data_1ZE1
#
_entry.id   1ZE1
#
_cell.length_a   44.650
_cell.length_b   64.170
_cell.length_c   176.070
_cell.angle_alpha   87.48
_cell.angle_beta   86.44
_cell.angle_gamma   79.35
#
_symmetry.space_group_name_H-M   'P 1'
#
loop_
_entity.id
_entity.type
_entity.pdbx_description
1 polymer 'tRNA pseudouridine synthase B'
2 non-polymer 'MAGNESIUM ION'
3 water water
#
_entity_poly.entity_id   1
_entity_poly.type   'polypeptide(L)'
_entity_poly.pdbx_seq_one_letter_code
;MKHGILVAYKPKGPTSHDVVDEVRKKLKTRKVGHGGTLDPFACGVLIIGVNQGTRILEFYKDLKKVYWVKMRLGLITETF
DITGEVVEERECNVTEEEIREAIFSFVGEYDQVPPAYSAKKYKGERLYKLAREGKIINLPPKRVKIFKIWDVNIEGRDVS
FRVEVSPGTYIRSLCMDIGYKLGCGATAVELVRESVGPHTIEESLNVFEAAPEEIENRIIPLEKCLEWLPRVVVHQESTK
MILNGSQIHLEMLKEWDGFKKGEVVRVFNEEGRLLALAEAERNSSFLETLRKHERQRRVLTLRKVFQTR
;
_entity_poly.pdbx_strand_id   A,B,C,D
#
# COMPACT_ATOMS: atom_id res chain seq x y z
N MET A 1 35.45 -18.48 -20.64
CA MET A 1 34.03 -18.35 -21.04
C MET A 1 33.13 -18.59 -19.83
N LYS A 2 32.33 -17.59 -19.47
CA LYS A 2 31.43 -17.72 -18.35
C LYS A 2 30.10 -18.32 -18.83
N HIS A 3 29.46 -19.09 -17.95
CA HIS A 3 28.18 -19.72 -18.23
C HIS A 3 27.28 -19.42 -17.04
N GLY A 4 26.06 -18.95 -17.27
CA GLY A 4 25.18 -18.69 -16.16
C GLY A 4 23.93 -17.89 -16.41
N ILE A 5 23.36 -17.35 -15.34
CA ILE A 5 22.17 -16.52 -15.40
C ILE A 5 22.50 -15.14 -14.91
N LEU A 6 21.95 -14.13 -15.58
CA LEU A 6 22.18 -12.73 -15.23
C LEU A 6 20.86 -12.07 -14.90
N VAL A 7 20.79 -11.46 -13.73
CA VAL A 7 19.57 -10.78 -13.30
C VAL A 7 19.60 -9.34 -13.75
N ALA A 8 18.97 -9.08 -14.91
CA ALA A 8 18.94 -7.75 -15.48
C ALA A 8 17.69 -6.94 -15.16
N TYR A 9 17.83 -5.62 -15.22
CA TYR A 9 16.71 -4.72 -14.98
C TYR A 9 16.38 -4.03 -16.29
N LYS A 10 15.14 -4.17 -16.75
CA LYS A 10 14.75 -3.51 -17.99
C LYS A 10 14.05 -2.19 -17.66
N PRO A 11 14.62 -1.08 -18.13
CA PRO A 11 14.03 0.23 -17.89
C PRO A 11 12.77 0.35 -18.71
N LYS A 12 11.89 1.26 -18.31
CA LYS A 12 10.66 1.50 -19.04
C LYS A 12 11.09 2.11 -20.37
N GLY A 13 10.54 1.60 -21.47
CA GLY A 13 10.90 2.14 -22.76
C GLY A 13 11.36 1.09 -23.75
N PRO A 14 12.58 0.56 -23.59
CA PRO A 14 13.16 -0.47 -24.46
C PRO A 14 12.49 -1.83 -24.34
N THR A 15 12.65 -2.66 -25.38
CA THR A 15 12.06 -3.99 -25.40
C THR A 15 13.01 -5.01 -24.75
N SER A 16 12.54 -6.23 -24.55
CA SER A 16 13.36 -7.26 -23.93
C SER A 16 14.51 -7.63 -24.87
N HIS A 17 14.23 -7.62 -26.16
CA HIS A 17 15.25 -7.93 -27.15
C HIS A 17 16.37 -6.91 -27.11
N ASP A 18 16.01 -5.67 -26.81
CA ASP A 18 16.99 -4.61 -26.70
C ASP A 18 17.98 -4.92 -25.59
N VAL A 19 17.48 -5.50 -24.50
CA VAL A 19 18.31 -5.86 -23.36
C VAL A 19 19.26 -6.97 -23.75
N VAL A 20 18.73 -7.96 -24.45
CA VAL A 20 19.58 -9.05 -24.90
C VAL A 20 20.62 -8.52 -25.86
N ASP A 21 20.26 -7.57 -26.70
CA ASP A 21 21.23 -7.02 -27.64
C ASP A 21 22.34 -6.24 -26.95
N GLU A 22 22.00 -5.52 -25.88
CA GLU A 22 22.97 -4.73 -25.13
C GLU A 22 23.98 -5.64 -24.43
N VAL A 23 23.47 -6.68 -23.77
CA VAL A 23 24.32 -7.63 -23.08
C VAL A 23 25.25 -8.31 -24.06
N ARG A 24 24.67 -8.70 -25.18
CA ARG A 24 25.38 -9.38 -26.25
C ARG A 24 26.50 -8.49 -26.78
N LYS A 25 26.21 -7.20 -26.88
CA LYS A 25 27.15 -6.22 -27.39
C LYS A 25 28.34 -6.04 -26.50
N LYS A 26 28.09 -5.92 -25.20
CA LYS A 26 29.19 -5.71 -24.25
C LYS A 26 29.99 -6.96 -23.87
N LEU A 27 29.34 -8.12 -23.78
CA LEU A 27 30.07 -9.34 -23.43
C LEU A 27 30.88 -9.96 -24.59
N LYS A 28 30.52 -9.65 -25.82
CA LYS A 28 31.21 -10.20 -26.97
C LYS A 28 31.34 -11.72 -26.89
N THR A 29 30.33 -12.40 -26.35
CA THR A 29 30.39 -13.85 -26.22
C THR A 29 29.79 -14.57 -27.41
N ARG A 30 29.40 -15.82 -27.22
CA ARG A 30 28.84 -16.56 -28.33
C ARG A 30 27.34 -16.82 -28.25
N LYS A 31 26.77 -16.70 -27.06
CA LYS A 31 25.35 -16.96 -26.93
C LYS A 31 24.73 -16.18 -25.79
N VAL A 32 23.60 -15.53 -26.07
CA VAL A 32 22.90 -14.77 -25.06
C VAL A 32 21.42 -14.99 -25.31
N GLY A 33 20.64 -15.15 -24.24
CA GLY A 33 19.22 -15.37 -24.39
C GLY A 33 18.42 -14.80 -23.24
N HIS A 34 17.10 -14.89 -23.34
CA HIS A 34 16.22 -14.37 -22.31
C HIS A 34 15.09 -15.34 -21.99
N GLY A 35 14.35 -15.10 -20.93
CA GLY A 35 13.27 -15.99 -20.59
C GLY A 35 12.15 -15.27 -19.88
N GLY A 36 11.01 -15.16 -20.54
CA GLY A 36 9.88 -14.47 -19.92
C GLY A 36 9.97 -13.00 -20.23
N THR A 37 9.39 -12.61 -21.34
CA THR A 37 9.43 -11.23 -21.78
C THR A 37 8.76 -10.21 -20.88
N LEU A 38 9.13 -8.95 -21.08
CA LEU A 38 8.59 -7.83 -20.35
C LEU A 38 8.21 -6.78 -21.38
N ASP A 39 6.96 -6.32 -21.34
CA ASP A 39 6.50 -5.32 -22.28
C ASP A 39 7.33 -4.05 -22.18
N PRO A 40 7.43 -3.32 -23.29
CA PRO A 40 8.20 -2.08 -23.34
C PRO A 40 7.80 -1.06 -22.29
N PHE A 41 6.50 -0.94 -22.00
CA PHE A 41 6.05 0.06 -21.04
C PHE A 41 6.27 -0.31 -19.58
N ALA A 42 6.61 -1.57 -19.34
CA ALA A 42 6.86 -2.05 -17.98
C ALA A 42 8.35 -2.08 -17.72
N CYS A 43 8.73 -2.19 -16.44
CA CYS A 43 10.14 -2.27 -16.05
C CYS A 43 10.31 -3.34 -14.98
N GLY A 44 11.52 -3.83 -14.80
CA GLY A 44 11.73 -4.84 -13.79
C GLY A 44 12.70 -5.95 -14.12
N VAL A 45 12.51 -7.08 -13.44
CA VAL A 45 13.38 -8.24 -13.60
C VAL A 45 13.22 -9.00 -14.92
N LEU A 46 14.35 -9.23 -15.58
CA LEU A 46 14.41 -9.95 -16.83
C LEU A 46 15.59 -10.94 -16.80
N ILE A 47 15.29 -12.23 -16.74
CA ILE A 47 16.35 -13.24 -16.69
C ILE A 47 17.11 -13.37 -18.01
N ILE A 48 18.45 -13.29 -17.94
CA ILE A 48 19.30 -13.38 -19.11
C ILE A 48 20.23 -14.58 -19.06
N GLY A 49 20.15 -15.44 -20.08
CA GLY A 49 21.01 -16.61 -20.11
C GLY A 49 22.26 -16.31 -20.89
N VAL A 50 23.41 -16.82 -20.43
CA VAL A 50 24.68 -16.60 -21.13
C VAL A 50 25.36 -17.94 -21.48
N ASN A 51 25.59 -18.14 -22.78
CA ASN A 51 26.21 -19.35 -23.29
C ASN A 51 25.50 -20.62 -22.84
N GLN A 52 26.20 -21.54 -22.18
CA GLN A 52 25.58 -22.77 -21.70
C GLN A 52 24.45 -22.46 -20.71
N GLY A 53 24.48 -21.27 -20.13
CA GLY A 53 23.46 -20.90 -19.18
C GLY A 53 22.11 -20.74 -19.83
N THR A 54 22.09 -20.62 -21.15
CA THR A 54 20.83 -20.47 -21.88
C THR A 54 20.08 -21.79 -21.90
N ARG A 55 20.81 -22.90 -21.75
CA ARG A 55 20.21 -24.22 -21.75
C ARG A 55 19.29 -24.48 -20.55
N ILE A 56 19.29 -23.59 -19.57
CA ILE A 56 18.43 -23.82 -18.42
C ILE A 56 17.44 -22.70 -18.20
N LEU A 57 17.19 -21.91 -19.26
CA LEU A 57 16.24 -20.82 -19.17
C LEU A 57 14.82 -21.31 -18.99
N GLU A 58 14.51 -22.47 -19.54
CA GLU A 58 13.15 -22.98 -19.40
C GLU A 58 12.74 -23.09 -17.95
N PHE A 59 13.69 -23.45 -17.08
CA PHE A 59 13.39 -23.59 -15.65
C PHE A 59 13.01 -22.24 -15.03
N TYR A 60 13.63 -21.16 -15.51
CA TYR A 60 13.32 -19.83 -14.99
C TYR A 60 12.00 -19.31 -15.48
N LYS A 61 11.59 -19.72 -16.68
CA LYS A 61 10.33 -19.28 -17.23
C LYS A 61 9.18 -19.96 -16.52
N ASP A 62 9.48 -21.04 -15.78
CA ASP A 62 8.46 -21.77 -15.06
C ASP A 62 8.24 -21.18 -13.68
N LEU A 63 9.20 -20.42 -13.19
CA LEU A 63 9.08 -19.82 -11.88
C LEU A 63 7.91 -18.85 -11.85
N LYS A 64 7.45 -18.51 -10.65
CA LYS A 64 6.34 -17.58 -10.51
C LYS A 64 6.87 -16.16 -10.64
N LYS A 65 5.98 -15.24 -10.99
CA LYS A 65 6.35 -13.84 -11.15
C LYS A 65 5.53 -12.93 -10.23
N VAL A 66 6.18 -11.89 -9.71
CA VAL A 66 5.51 -10.95 -8.83
C VAL A 66 5.58 -9.54 -9.45
N TYR A 67 4.42 -8.93 -9.66
CA TYR A 67 4.34 -7.59 -10.24
C TYR A 67 3.65 -6.62 -9.30
N TRP A 68 3.96 -5.34 -9.48
CA TRP A 68 3.33 -4.25 -8.75
C TRP A 68 2.70 -3.42 -9.86
N VAL A 69 1.36 -3.34 -9.87
CA VAL A 69 0.68 -2.59 -10.93
C VAL A 69 -0.14 -1.41 -10.47
N LYS A 70 -0.40 -0.50 -11.40
CA LYS A 70 -1.22 0.68 -11.11
C LYS A 70 -2.18 0.83 -12.28
N MET A 71 -3.48 0.75 -12.00
CA MET A 71 -4.49 0.86 -13.03
C MET A 71 -5.39 2.06 -12.84
N ARG A 72 -5.85 2.63 -13.95
CA ARG A 72 -6.74 3.80 -13.97
C ARG A 72 -8.15 3.32 -14.28
N LEU A 73 -9.06 3.53 -13.34
CA LEU A 73 -10.46 3.12 -13.50
C LEU A 73 -11.21 4.07 -14.40
N GLY A 74 -12.09 3.52 -15.25
CA GLY A 74 -12.88 4.32 -16.17
C GLY A 74 -12.13 4.74 -17.40
N LEU A 75 -11.10 3.98 -17.77
CA LEU A 75 -10.28 4.27 -18.95
C LEU A 75 -10.01 2.98 -19.68
N ILE A 76 -10.24 2.98 -21.00
CA ILE A 76 -10.02 1.78 -21.82
C ILE A 76 -9.26 2.11 -23.08
N THR A 77 -8.06 1.54 -23.23
CA THR A 77 -7.27 1.79 -24.41
C THR A 77 -7.31 0.56 -25.30
N GLU A 78 -6.68 0.65 -26.45
CA GLU A 78 -6.61 -0.44 -27.40
C GLU A 78 -5.81 -1.62 -26.82
N THR A 79 -4.65 -1.31 -26.26
CA THR A 79 -3.75 -2.32 -25.70
C THR A 79 -3.91 -2.57 -24.22
N PHE A 80 -4.83 -1.83 -23.60
CA PHE A 80 -5.11 -1.95 -22.18
C PHE A 80 -4.04 -1.31 -21.29
N ASP A 81 -3.24 -0.42 -21.84
CA ASP A 81 -2.22 0.28 -21.07
C ASP A 81 -2.09 1.71 -21.60
N ILE A 82 -1.54 2.62 -20.80
CA ILE A 82 -1.40 4.01 -21.23
C ILE A 82 -0.78 4.23 -22.60
N THR A 83 0.14 3.36 -23.02
CA THR A 83 0.78 3.52 -24.33
C THR A 83 -0.21 3.13 -25.42
N GLY A 84 -1.41 2.75 -25.02
CA GLY A 84 -2.44 2.36 -25.97
C GLY A 84 -3.37 3.51 -26.32
N GLU A 85 -3.87 3.50 -27.55
CA GLU A 85 -4.76 4.56 -28.02
C GLU A 85 -6.08 4.52 -27.28
N VAL A 86 -6.42 5.62 -26.63
CA VAL A 86 -7.67 5.70 -25.86
C VAL A 86 -8.85 5.40 -26.78
N VAL A 87 -9.58 4.34 -26.49
CA VAL A 87 -10.72 3.97 -27.32
C VAL A 87 -12.07 4.17 -26.64
N GLU A 88 -12.04 4.44 -25.34
CA GLU A 88 -13.29 4.64 -24.61
C GLU A 88 -13.03 5.07 -23.18
N GLU A 89 -13.89 5.94 -22.68
CA GLU A 89 -13.73 6.41 -21.30
C GLU A 89 -15.08 6.58 -20.61
N ARG A 90 -15.45 5.56 -19.85
CA ARG A 90 -16.71 5.55 -19.12
C ARG A 90 -16.61 6.39 -17.85
N GLU A 91 -17.57 6.18 -16.95
CA GLU A 91 -17.63 6.90 -15.69
C GLU A 91 -17.65 5.91 -14.52
N CYS A 92 -16.73 6.08 -13.57
CA CYS A 92 -16.69 5.17 -12.42
C CYS A 92 -16.91 5.89 -11.11
N ASN A 93 -17.78 5.33 -10.29
CA ASN A 93 -18.10 5.90 -9.00
C ASN A 93 -18.46 4.78 -8.05
N VAL A 94 -17.50 3.90 -7.82
CA VAL A 94 -17.71 2.77 -6.92
C VAL A 94 -16.98 3.04 -5.60
N THR A 95 -17.37 2.33 -4.55
CA THR A 95 -16.77 2.51 -3.24
C THR A 95 -15.51 1.66 -3.08
N GLU A 96 -14.66 2.05 -2.12
CA GLU A 96 -13.44 1.30 -1.87
C GLU A 96 -13.72 -0.15 -1.53
N GLU A 97 -14.90 -0.40 -0.96
CA GLU A 97 -15.27 -1.75 -0.60
C GLU A 97 -15.69 -2.52 -1.84
N GLU A 98 -16.19 -1.80 -2.84
CA GLU A 98 -16.61 -2.44 -4.08
C GLU A 98 -15.38 -2.80 -4.89
N ILE A 99 -14.37 -1.95 -4.81
CA ILE A 99 -13.13 -2.15 -5.52
C ILE A 99 -12.37 -3.34 -4.94
N ARG A 100 -12.07 -3.26 -3.64
CA ARG A 100 -11.37 -4.34 -2.97
C ARG A 100 -12.05 -5.66 -3.19
N GLU A 101 -13.37 -5.66 -3.09
CA GLU A 101 -14.15 -6.88 -3.28
C GLU A 101 -13.85 -7.45 -4.67
N ALA A 102 -13.80 -6.57 -5.67
CA ALA A 102 -13.54 -6.96 -7.05
C ALA A 102 -12.11 -7.49 -7.22
N ILE A 103 -11.15 -6.76 -6.69
CA ILE A 103 -9.74 -7.14 -6.77
C ILE A 103 -9.51 -8.55 -6.22
N PHE A 104 -9.68 -8.73 -4.91
CA PHE A 104 -9.47 -10.02 -4.29
C PHE A 104 -10.37 -11.12 -4.82
N SER A 105 -11.26 -10.79 -5.75
CA SER A 105 -12.15 -11.81 -6.28
C SER A 105 -11.48 -12.63 -7.34
N PHE A 106 -10.30 -12.21 -7.78
CA PHE A 106 -9.61 -12.94 -8.83
C PHE A 106 -8.56 -13.95 -8.36
N VAL A 107 -8.37 -14.05 -7.05
CA VAL A 107 -7.40 -14.98 -6.51
C VAL A 107 -7.85 -16.42 -6.76
N GLY A 108 -7.09 -17.14 -7.58
CA GLY A 108 -7.42 -18.52 -7.91
C GLY A 108 -6.98 -18.79 -9.33
N GLU A 109 -7.93 -19.04 -10.23
CA GLU A 109 -7.60 -19.27 -11.63
C GLU A 109 -8.83 -18.99 -12.47
N TYR A 110 -8.64 -18.40 -13.65
CA TYR A 110 -9.82 -18.07 -14.43
C TYR A 110 -9.83 -18.04 -15.95
N ASP A 111 -8.81 -18.53 -16.64
CA ASP A 111 -8.91 -18.48 -18.12
C ASP A 111 -9.06 -17.04 -18.60
N GLN A 112 -7.98 -16.41 -19.06
CA GLN A 112 -8.09 -15.05 -19.57
C GLN A 112 -7.65 -15.05 -21.03
N VAL A 113 -7.90 -13.94 -21.71
CA VAL A 113 -7.51 -13.84 -23.11
C VAL A 113 -6.66 -12.63 -23.31
N PRO A 114 -5.91 -12.60 -24.40
CA PRO A 114 -5.05 -11.46 -24.66
C PRO A 114 -5.84 -10.16 -24.79
N PRO A 115 -5.19 -9.03 -24.49
CA PRO A 115 -5.83 -7.72 -24.56
C PRO A 115 -6.28 -7.32 -25.98
N ALA A 116 -7.59 -7.31 -26.20
CA ALA A 116 -8.18 -6.94 -27.48
C ALA A 116 -8.90 -5.59 -27.42
N TYR A 117 -10.24 -5.61 -27.52
CA TYR A 117 -11.09 -4.42 -27.49
C TYR A 117 -10.79 -3.32 -28.51
N SER A 118 -11.65 -3.16 -29.50
CA SER A 118 -11.46 -2.15 -30.52
C SER A 118 -12.57 -1.12 -30.51
N ALA A 119 -12.42 -0.06 -31.30
CA ALA A 119 -13.45 0.96 -31.34
C ALA A 119 -14.44 0.72 -32.50
N LYS A 120 -14.17 -0.31 -33.30
CA LYS A 120 -15.02 -0.66 -34.45
C LYS A 120 -16.30 -1.40 -34.10
N LYS A 121 -17.20 -1.49 -35.07
CA LYS A 121 -18.47 -2.17 -34.88
C LYS A 121 -18.26 -3.68 -34.75
N TYR A 122 -18.83 -4.24 -33.69
CA TYR A 122 -18.74 -5.66 -33.40
C TYR A 122 -17.33 -6.05 -32.97
N LYS A 123 -16.60 -5.12 -32.36
CA LYS A 123 -15.23 -5.41 -31.93
C LYS A 123 -14.90 -4.81 -30.57
N GLY A 124 -15.85 -4.10 -29.98
CA GLY A 124 -15.57 -3.52 -28.67
C GLY A 124 -16.03 -4.54 -27.64
N GLU A 125 -17.00 -4.14 -26.82
CA GLU A 125 -17.55 -5.06 -25.84
C GLU A 125 -18.19 -6.08 -26.75
N ARG A 126 -18.90 -7.05 -26.20
CA ARG A 126 -19.54 -8.02 -27.08
C ARG A 126 -18.47 -8.98 -27.61
N LEU A 127 -17.45 -8.45 -28.27
CA LEU A 127 -16.37 -9.29 -28.78
C LEU A 127 -15.55 -9.81 -27.60
N TYR A 128 -15.20 -8.87 -26.73
CA TYR A 128 -14.43 -9.12 -25.51
C TYR A 128 -15.22 -10.13 -24.66
N LYS A 129 -16.53 -9.92 -24.60
CA LYS A 129 -17.42 -10.77 -23.83
C LYS A 129 -17.38 -12.20 -24.37
N LEU A 130 -17.57 -12.34 -25.68
CA LEU A 130 -17.54 -13.64 -26.32
C LEU A 130 -16.20 -14.32 -26.22
N ALA A 131 -15.12 -13.57 -26.41
CA ALA A 131 -13.78 -14.15 -26.32
C ALA A 131 -13.63 -14.74 -24.92
N ARG A 132 -13.90 -13.90 -23.91
CA ARG A 132 -13.84 -14.30 -22.51
C ARG A 132 -14.61 -15.59 -22.25
N GLU A 133 -15.77 -15.75 -22.89
CA GLU A 133 -16.56 -16.97 -22.72
C GLU A 133 -15.98 -18.15 -23.50
N GLY A 134 -14.85 -17.92 -24.17
CA GLY A 134 -14.21 -18.98 -24.93
C GLY A 134 -14.91 -19.33 -26.23
N LYS A 135 -15.78 -18.40 -26.68
CA LYS A 135 -16.56 -18.55 -27.90
C LYS A 135 -15.80 -18.15 -29.18
N ILE A 136 -14.87 -17.21 -29.10
CA ILE A 136 -14.11 -16.82 -30.27
C ILE A 136 -13.02 -17.86 -30.49
N ILE A 137 -12.87 -18.34 -31.73
CA ILE A 137 -11.86 -19.37 -32.02
C ILE A 137 -10.44 -18.83 -32.21
N ASN A 138 -10.29 -17.61 -32.69
CA ASN A 138 -8.95 -17.07 -32.90
C ASN A 138 -8.37 -16.48 -31.60
N LEU A 139 -9.18 -16.45 -30.54
CA LEU A 139 -8.70 -15.94 -29.26
C LEU A 139 -9.02 -16.98 -28.19
N PRO A 140 -8.24 -18.07 -28.15
CA PRO A 140 -8.44 -19.13 -27.17
C PRO A 140 -8.08 -18.63 -25.80
N PRO A 141 -8.94 -18.88 -24.80
CA PRO A 141 -8.64 -18.44 -23.45
C PRO A 141 -7.58 -19.37 -22.86
N LYS A 142 -6.81 -18.85 -21.91
CA LYS A 142 -5.76 -19.61 -21.25
C LYS A 142 -6.04 -19.70 -19.75
N ARG A 143 -5.77 -20.85 -19.13
CA ARG A 143 -6.01 -21.00 -17.68
C ARG A 143 -4.83 -20.46 -16.87
N VAL A 144 -5.04 -19.35 -16.14
CA VAL A 144 -3.94 -18.78 -15.35
C VAL A 144 -4.16 -18.89 -13.84
N LYS A 145 -3.12 -18.64 -13.03
CA LYS A 145 -3.30 -18.71 -11.58
C LYS A 145 -2.88 -17.42 -10.88
N ILE A 146 -3.82 -16.83 -10.17
CA ILE A 146 -3.54 -15.63 -9.40
C ILE A 146 -3.35 -16.16 -8.00
N PHE A 147 -2.10 -16.40 -7.61
CA PHE A 147 -1.81 -16.96 -6.29
C PHE A 147 -2.22 -16.07 -5.13
N LYS A 148 -1.76 -14.82 -5.11
CA LYS A 148 -2.16 -13.93 -4.04
C LYS A 148 -2.05 -12.48 -4.45
N ILE A 149 -2.89 -11.64 -3.84
CA ILE A 149 -2.89 -10.22 -4.12
C ILE A 149 -2.82 -9.54 -2.77
N TRP A 150 -1.95 -8.54 -2.66
CA TRP A 150 -1.79 -7.81 -1.40
C TRP A 150 -1.36 -6.38 -1.67
N ASP A 151 -1.15 -5.62 -0.60
CA ASP A 151 -0.72 -4.22 -0.71
C ASP A 151 -1.61 -3.40 -1.64
N VAL A 152 -2.91 -3.49 -1.46
CA VAL A 152 -3.82 -2.72 -2.29
C VAL A 152 -3.91 -1.29 -1.80
N ASN A 153 -3.90 -0.34 -2.71
CA ASN A 153 -3.99 1.05 -2.32
C ASN A 153 -4.89 1.87 -3.24
N ILE A 154 -6.05 2.26 -2.75
CA ILE A 154 -6.99 3.04 -3.56
C ILE A 154 -6.86 4.53 -3.35
N GLU A 155 -6.35 5.23 -4.36
CA GLU A 155 -6.17 6.68 -4.30
C GLU A 155 -6.91 7.40 -5.45
N GLY A 156 -8.22 7.58 -5.29
CA GLY A 156 -8.99 8.24 -6.32
C GLY A 156 -9.37 7.23 -7.39
N ARG A 157 -9.19 7.62 -8.64
CA ARG A 157 -9.51 6.73 -9.76
C ARG A 157 -8.39 5.71 -9.98
N ASP A 158 -7.22 5.98 -9.40
CA ASP A 158 -6.07 5.09 -9.55
C ASP A 158 -5.86 4.17 -8.37
N VAL A 159 -5.69 2.87 -8.66
CA VAL A 159 -5.47 1.90 -7.61
C VAL A 159 -4.25 1.06 -7.96
N SER A 160 -3.52 0.63 -6.93
CA SER A 160 -2.33 -0.18 -7.14
C SER A 160 -2.33 -1.36 -6.17
N PHE A 161 -1.55 -2.38 -6.51
CA PHE A 161 -1.44 -3.58 -5.69
C PHE A 161 -0.35 -4.49 -6.26
N ARG A 162 -0.06 -5.57 -5.53
CA ARG A 162 0.94 -6.55 -5.93
C ARG A 162 0.24 -7.88 -6.15
N VAL A 163 0.72 -8.62 -7.15
CA VAL A 163 0.17 -9.94 -7.48
C VAL A 163 1.25 -10.98 -7.78
N GLU A 164 1.03 -12.20 -7.32
CA GLU A 164 1.95 -13.30 -7.57
C GLU A 164 1.16 -14.16 -8.53
N VAL A 165 1.64 -14.23 -9.75
CA VAL A 165 0.93 -14.99 -10.77
C VAL A 165 1.82 -15.99 -11.51
N SER A 166 1.15 -16.99 -12.10
CA SER A 166 1.81 -18.02 -12.88
C SER A 166 2.26 -17.44 -14.21
N PRO A 167 3.33 -18.02 -14.78
CA PRO A 167 3.82 -17.51 -16.07
C PRO A 167 2.78 -17.62 -17.20
N GLY A 168 2.85 -16.68 -18.13
CA GLY A 168 1.92 -16.69 -19.23
C GLY A 168 0.67 -15.90 -18.96
N THR A 169 0.64 -15.18 -17.84
CA THR A 169 -0.51 -14.37 -17.46
C THR A 169 -0.29 -12.92 -17.84
N TYR A 170 -1.26 -12.29 -18.48
CA TYR A 170 -1.12 -10.87 -18.84
C TYR A 170 -1.62 -10.01 -17.71
N ILE A 171 -0.80 -9.09 -17.20
CA ILE A 171 -1.25 -8.23 -16.11
C ILE A 171 -2.23 -7.20 -16.67
N ARG A 172 -2.03 -6.80 -17.91
CA ARG A 172 -2.96 -5.85 -18.53
C ARG A 172 -4.35 -6.47 -18.52
N SER A 173 -4.44 -7.73 -18.90
CA SER A 173 -5.72 -8.43 -18.92
C SER A 173 -6.40 -8.48 -17.55
N LEU A 174 -5.62 -8.77 -16.51
CA LEU A 174 -6.16 -8.83 -15.14
C LEU A 174 -6.83 -7.52 -14.72
N CYS A 175 -6.22 -6.40 -15.10
CA CYS A 175 -6.81 -5.11 -14.76
C CYS A 175 -8.15 -4.96 -15.45
N MET A 176 -8.13 -5.07 -16.78
CA MET A 176 -9.35 -4.94 -17.57
C MET A 176 -10.47 -5.79 -16.97
N ASP A 177 -10.19 -7.06 -16.72
CA ASP A 177 -11.18 -7.96 -16.13
C ASP A 177 -11.73 -7.38 -14.83
N ILE A 178 -10.85 -6.84 -14.00
CA ILE A 178 -11.27 -6.23 -12.74
C ILE A 178 -12.10 -5.00 -13.06
N GLY A 179 -11.70 -4.28 -14.11
CA GLY A 179 -12.40 -3.09 -14.52
C GLY A 179 -13.82 -3.36 -14.98
N TYR A 180 -14.05 -4.52 -15.58
CA TYR A 180 -15.38 -4.86 -16.04
C TYR A 180 -16.22 -5.38 -14.91
N LYS A 181 -15.56 -5.94 -13.90
CA LYS A 181 -16.27 -6.46 -12.74
C LYS A 181 -16.93 -5.24 -12.10
N LEU A 182 -16.16 -4.16 -11.97
CA LEU A 182 -16.67 -2.92 -11.40
C LEU A 182 -17.65 -2.28 -12.35
N GLY A 183 -17.48 -2.56 -13.65
CA GLY A 183 -18.38 -2.03 -14.65
C GLY A 183 -18.01 -0.69 -15.23
N CYS A 184 -16.72 -0.44 -15.44
CA CYS A 184 -16.31 0.83 -15.99
C CYS A 184 -14.93 0.77 -16.65
N GLY A 185 -14.46 -0.46 -16.86
CA GLY A 185 -13.15 -0.67 -17.47
C GLY A 185 -11.98 -0.11 -16.68
N ALA A 186 -10.78 -0.59 -16.99
CA ALA A 186 -9.57 -0.14 -16.32
C ALA A 186 -8.39 -0.33 -17.25
N THR A 187 -7.36 0.48 -17.06
CA THR A 187 -6.17 0.39 -17.91
C THR A 187 -4.92 0.42 -17.05
N ALA A 188 -3.89 -0.33 -17.45
CA ALA A 188 -2.63 -0.36 -16.71
C ALA A 188 -1.88 0.89 -17.06
N VAL A 189 -1.43 1.61 -16.04
CA VAL A 189 -0.71 2.86 -16.26
C VAL A 189 0.74 2.72 -15.81
N GLU A 190 1.00 1.70 -15.00
CA GLU A 190 2.33 1.49 -14.49
C GLU A 190 2.50 0.02 -14.16
N LEU A 191 3.65 -0.53 -14.50
CA LEU A 191 3.87 -1.93 -14.24
C LEU A 191 5.34 -2.23 -13.95
N VAL A 192 5.58 -2.88 -12.81
CA VAL A 192 6.93 -3.22 -12.43
C VAL A 192 7.02 -4.67 -11.97
N ARG A 193 7.89 -5.44 -12.62
CA ARG A 193 8.04 -6.84 -12.20
C ARG A 193 9.12 -6.83 -11.12
N GLU A 194 8.68 -7.00 -9.88
CA GLU A 194 9.56 -6.98 -8.73
C GLU A 194 10.36 -8.26 -8.54
N SER A 195 9.85 -9.39 -9.05
CA SER A 195 10.59 -10.64 -8.90
C SER A 195 10.20 -11.79 -9.83
N VAL A 196 11.18 -12.66 -10.07
CA VAL A 196 10.99 -13.86 -10.86
C VAL A 196 11.66 -14.93 -9.99
N GLY A 197 10.83 -15.83 -9.44
CA GLY A 197 11.36 -16.85 -8.58
C GLY A 197 12.02 -16.12 -7.43
N PRO A 198 13.20 -16.56 -6.99
CA PRO A 198 13.87 -15.88 -5.88
C PRO A 198 14.67 -14.65 -6.33
N HIS A 199 14.74 -14.42 -7.64
CA HIS A 199 15.49 -13.28 -8.13
C HIS A 199 14.69 -11.97 -8.09
N THR A 200 15.17 -11.05 -7.26
CA THR A 200 14.51 -9.76 -7.04
C THR A 200 15.06 -8.57 -7.81
N ILE A 201 14.23 -7.54 -7.94
CA ILE A 201 14.61 -6.32 -8.64
C ILE A 201 15.71 -5.56 -7.92
N GLU A 202 15.74 -5.67 -6.60
CA GLU A 202 16.77 -5.00 -5.81
C GLU A 202 18.11 -5.61 -6.18
N GLU A 203 18.05 -6.88 -6.56
CA GLU A 203 19.21 -7.67 -6.96
C GLU A 203 19.62 -7.42 -8.41
N SER A 204 18.66 -6.98 -9.23
CA SER A 204 18.89 -6.74 -10.66
C SER A 204 19.95 -5.69 -10.99
N LEU A 205 20.36 -5.68 -12.25
CA LEU A 205 21.39 -4.77 -12.73
C LEU A 205 20.95 -4.16 -14.06
N ASN A 206 21.24 -2.86 -14.25
CA ASN A 206 20.87 -2.18 -15.48
C ASN A 206 22.00 -2.28 -16.49
N VAL A 207 21.97 -3.33 -17.31
CA VAL A 207 23.01 -3.54 -18.30
C VAL A 207 23.30 -2.33 -19.19
N PHE A 208 22.30 -1.50 -19.44
CA PHE A 208 22.51 -0.33 -20.27
C PHE A 208 23.54 0.59 -19.68
N GLU A 209 23.47 0.78 -18.37
CA GLU A 209 24.40 1.68 -17.68
C GLU A 209 25.57 0.99 -17.01
N ALA A 210 25.76 -0.30 -17.29
CA ALA A 210 26.82 -1.08 -16.69
C ALA A 210 28.01 -1.34 -17.60
N ALA A 211 29.20 -1.31 -17.01
CA ALA A 211 30.42 -1.54 -17.75
C ALA A 211 30.59 -3.02 -17.97
N PRO A 212 31.20 -3.40 -19.10
CA PRO A 212 31.39 -4.83 -19.38
C PRO A 212 31.86 -5.65 -18.16
N GLU A 213 32.89 -5.19 -17.47
CA GLU A 213 33.38 -5.94 -16.33
C GLU A 213 32.27 -6.16 -15.33
N GLU A 214 31.50 -5.11 -15.08
CA GLU A 214 30.39 -5.17 -14.15
C GLU A 214 29.45 -6.31 -14.54
N ILE A 215 28.95 -6.28 -15.77
CA ILE A 215 28.02 -7.30 -16.26
C ILE A 215 28.58 -8.71 -16.14
N GLU A 216 29.76 -8.93 -16.69
CA GLU A 216 30.40 -10.25 -16.62
C GLU A 216 30.55 -10.68 -15.17
N ASN A 217 31.20 -9.84 -14.39
CA ASN A 217 31.44 -10.13 -12.98
C ASN A 217 30.15 -10.30 -12.20
N ARG A 218 29.03 -10.19 -12.88
CA ARG A 218 27.76 -10.28 -12.19
C ARG A 218 26.88 -11.48 -12.55
N ILE A 219 27.39 -12.36 -13.41
CA ILE A 219 26.66 -13.55 -13.84
C ILE A 219 26.70 -14.62 -12.76
N ILE A 220 25.59 -15.32 -12.58
CA ILE A 220 25.55 -16.38 -11.61
C ILE A 220 26.02 -17.65 -12.33
N PRO A 221 27.17 -18.20 -11.91
CA PRO A 221 27.69 -19.41 -12.56
C PRO A 221 26.73 -20.60 -12.39
N LEU A 222 26.76 -21.51 -13.36
CA LEU A 222 25.89 -22.69 -13.36
C LEU A 222 25.81 -23.38 -12.02
N GLU A 223 26.95 -23.50 -11.34
CA GLU A 223 27.04 -24.13 -10.01
C GLU A 223 26.11 -23.51 -8.97
N LYS A 224 25.70 -22.26 -9.20
CA LYS A 224 24.82 -21.55 -8.28
C LYS A 224 23.40 -21.39 -8.81
N CYS A 225 23.17 -21.79 -10.06
CA CYS A 225 21.83 -21.68 -10.63
C CYS A 225 20.91 -22.79 -10.19
N LEU A 226 19.62 -22.57 -10.32
CA LEU A 226 18.64 -23.58 -9.94
C LEU A 226 18.85 -24.00 -8.51
N GLU A 227 19.00 -23.02 -7.63
CA GLU A 227 19.23 -23.25 -6.21
C GLU A 227 18.32 -24.29 -5.57
N TRP A 228 17.03 -24.29 -5.96
CA TRP A 228 16.03 -25.24 -5.47
C TRP A 228 16.38 -26.54 -6.20
N LEU A 229 15.52 -27.54 -6.23
CA LEU A 229 15.88 -28.78 -6.95
C LEU A 229 16.98 -29.55 -6.20
N PRO A 230 16.70 -30.82 -5.87
CA PRO A 230 17.66 -31.65 -5.16
C PRO A 230 19.01 -31.74 -5.86
N ARG A 231 20.06 -31.90 -5.06
CA ARG A 231 21.41 -32.03 -5.59
C ARG A 231 22.03 -33.33 -5.08
N VAL A 232 22.61 -34.10 -5.97
CA VAL A 232 23.26 -35.34 -5.61
C VAL A 232 24.70 -35.17 -6.04
N VAL A 233 25.66 -35.73 -5.32
CA VAL A 233 27.04 -35.59 -5.76
C VAL A 233 27.65 -36.95 -6.03
N VAL A 234 28.36 -37.08 -7.15
CA VAL A 234 28.98 -38.35 -7.54
C VAL A 234 30.47 -38.32 -7.27
N HIS A 235 31.07 -39.46 -7.00
CA HIS A 235 32.51 -39.52 -6.75
C HIS A 235 33.28 -38.81 -7.88
N GLN A 236 34.28 -38.02 -7.52
CA GLN A 236 35.09 -37.29 -8.51
C GLN A 236 35.42 -38.12 -9.73
N GLU A 237 35.97 -39.29 -9.47
CA GLU A 237 36.40 -40.23 -10.49
C GLU A 237 35.42 -40.43 -11.65
N SER A 238 34.13 -40.26 -11.40
CA SER A 238 33.10 -40.44 -12.42
C SER A 238 32.82 -39.19 -13.23
N THR A 239 33.65 -38.16 -13.05
CA THR A 239 33.44 -36.91 -13.77
C THR A 239 33.53 -37.08 -15.27
N LYS A 240 34.61 -37.66 -15.76
CA LYS A 240 34.77 -37.82 -17.20
C LYS A 240 33.67 -38.60 -17.91
N MET A 241 33.40 -39.81 -17.47
CA MET A 241 32.39 -40.62 -18.13
C MET A 241 31.00 -39.97 -18.12
N ILE A 242 30.74 -39.14 -17.12
CA ILE A 242 29.45 -38.45 -17.06
C ILE A 242 29.41 -37.32 -18.10
N LEU A 243 30.50 -36.55 -18.18
CA LEU A 243 30.59 -35.46 -19.12
C LEU A 243 30.34 -35.98 -20.54
N ASN A 244 30.65 -37.25 -20.77
CA ASN A 244 30.35 -37.85 -22.06
C ASN A 244 28.97 -38.45 -21.84
N GLY A 245 28.65 -39.55 -22.49
CA GLY A 245 27.34 -40.15 -22.25
C GLY A 245 27.30 -40.70 -20.84
N SER A 246 26.95 -41.98 -20.70
CA SER A 246 26.93 -42.62 -19.39
C SER A 246 25.92 -42.14 -18.37
N GLN A 247 24.95 -43.01 -18.08
CA GLN A 247 23.93 -42.71 -17.09
C GLN A 247 24.54 -42.92 -15.72
N ILE A 248 23.86 -42.42 -14.70
CA ILE A 248 24.35 -42.53 -13.33
C ILE A 248 23.75 -43.71 -12.55
N HIS A 249 24.59 -44.62 -12.06
CA HIS A 249 24.13 -45.77 -11.28
C HIS A 249 24.37 -45.64 -9.79
N LEU A 250 23.75 -46.52 -9.00
CA LEU A 250 23.87 -46.49 -7.55
C LEU A 250 25.29 -46.33 -7.01
N GLU A 251 26.16 -47.26 -7.39
CA GLU A 251 27.52 -47.21 -6.90
C GLU A 251 28.31 -45.97 -7.31
N MET A 252 27.78 -45.18 -8.23
CA MET A 252 28.46 -43.96 -8.68
C MET A 252 28.16 -42.75 -7.78
N LEU A 253 27.05 -42.83 -7.05
CA LEU A 253 26.61 -41.76 -6.16
C LEU A 253 27.41 -41.72 -4.86
N LYS A 254 27.46 -40.56 -4.24
CA LYS A 254 28.18 -40.44 -3.00
C LYS A 254 27.33 -39.70 -1.96
N GLU A 255 26.49 -38.78 -2.42
CA GLU A 255 25.61 -38.02 -1.54
C GLU A 255 24.27 -37.62 -2.15
N TRP A 256 23.20 -37.96 -1.43
CA TRP A 256 21.82 -37.69 -1.83
C TRP A 256 21.41 -36.30 -1.44
N ASP A 257 20.10 -36.10 -1.43
CA ASP A 257 19.53 -34.83 -1.05
C ASP A 257 18.03 -35.05 -1.00
N GLY A 258 17.62 -36.29 -1.27
CA GLY A 258 16.20 -36.61 -1.22
C GLY A 258 15.39 -36.20 -2.43
N PHE A 259 14.83 -37.19 -3.10
CA PHE A 259 14.06 -36.90 -4.30
C PHE A 259 13.07 -38.00 -4.65
N LYS A 260 12.02 -37.61 -5.36
CA LYS A 260 10.97 -38.50 -5.82
C LYS A 260 11.33 -39.05 -7.18
N LYS A 261 10.43 -39.83 -7.77
CA LYS A 261 10.66 -40.41 -9.08
C LYS A 261 10.97 -39.42 -10.21
N GLY A 262 9.97 -39.09 -11.03
CA GLY A 262 10.20 -38.19 -12.14
C GLY A 262 10.93 -36.89 -11.88
N GLU A 263 11.17 -36.55 -10.61
CA GLU A 263 11.83 -35.29 -10.25
C GLU A 263 13.18 -35.07 -10.96
N VAL A 264 13.59 -33.81 -11.10
CA VAL A 264 14.86 -33.50 -11.76
C VAL A 264 15.91 -33.05 -10.72
N VAL A 265 17.11 -33.61 -10.78
CA VAL A 265 18.15 -33.23 -9.83
C VAL A 265 19.45 -32.77 -10.45
N ARG A 266 20.18 -31.95 -9.70
CA ARG A 266 21.47 -31.40 -10.13
C ARG A 266 22.60 -32.37 -9.80
N VAL A 267 23.42 -32.70 -10.78
CA VAL A 267 24.51 -33.62 -10.56
C VAL A 267 25.87 -32.95 -10.37
N PHE A 268 26.34 -32.88 -9.13
CA PHE A 268 27.65 -32.28 -8.85
C PHE A 268 28.74 -33.36 -8.66
N ASN A 269 29.99 -32.92 -8.70
CA ASN A 269 31.11 -33.82 -8.46
C ASN A 269 31.70 -33.36 -7.11
N GLU A 270 32.71 -34.06 -6.62
CA GLU A 270 33.27 -33.71 -5.33
C GLU A 270 33.95 -32.35 -5.34
N GLU A 271 34.41 -31.93 -6.50
CA GLU A 271 35.07 -30.64 -6.59
C GLU A 271 34.08 -29.47 -6.58
N GLY A 272 32.79 -29.77 -6.66
CA GLY A 272 31.80 -28.72 -6.63
C GLY A 272 31.32 -28.24 -7.99
N ARG A 273 31.71 -28.97 -9.03
CA ARG A 273 31.33 -28.62 -10.39
C ARG A 273 30.00 -29.24 -10.80
N LEU A 274 29.17 -28.47 -11.50
CA LEU A 274 27.88 -28.96 -11.96
C LEU A 274 28.10 -29.70 -13.28
N LEU A 275 27.94 -31.02 -13.23
CA LEU A 275 28.15 -31.87 -14.37
C LEU A 275 26.94 -32.01 -15.27
N ALA A 276 25.75 -32.11 -14.69
CA ALA A 276 24.57 -32.28 -15.49
C ALA A 276 23.26 -32.21 -14.72
N LEU A 277 22.16 -32.33 -15.46
CA LEU A 277 20.83 -32.35 -14.86
C LEU A 277 20.22 -33.68 -15.30
N ALA A 278 19.65 -34.41 -14.36
CA ALA A 278 19.06 -35.70 -14.66
C ALA A 278 17.73 -35.94 -13.95
N GLU A 279 17.01 -36.93 -14.44
CA GLU A 279 15.71 -37.31 -13.88
C GLU A 279 15.83 -38.60 -13.08
N ALA A 280 15.23 -38.62 -11.90
CA ALA A 280 15.30 -39.79 -11.03
C ALA A 280 14.47 -40.96 -11.53
N GLU A 281 15.12 -42.09 -11.72
CA GLU A 281 14.47 -43.29 -12.20
C GLU A 281 13.92 -44.06 -11.04
N ARG A 282 14.46 -43.79 -9.88
CA ARG A 282 14.03 -44.48 -8.68
C ARG A 282 13.57 -43.44 -7.70
N ASN A 283 13.13 -43.87 -6.54
CA ASN A 283 12.69 -42.92 -5.55
C ASN A 283 13.89 -42.23 -4.94
N SER A 284 14.32 -42.72 -3.80
CA SER A 284 15.46 -42.13 -3.10
C SER A 284 15.59 -42.92 -1.84
N SER A 285 14.42 -43.17 -1.24
CA SER A 285 14.30 -43.94 -0.04
C SER A 285 14.56 -45.39 -0.45
N PHE A 286 14.27 -45.67 -1.72
CA PHE A 286 14.46 -47.01 -2.26
C PHE A 286 15.93 -47.33 -2.54
N LEU A 287 16.80 -46.33 -2.47
CA LEU A 287 18.21 -46.61 -2.73
C LEU A 287 18.79 -47.59 -1.73
N GLU A 288 18.40 -47.47 -0.47
CA GLU A 288 18.91 -48.40 0.53
C GLU A 288 18.54 -49.83 0.23
N THR A 289 17.45 -50.00 -0.52
CA THR A 289 16.99 -51.32 -0.91
C THR A 289 17.81 -51.83 -2.10
N LEU A 290 18.22 -50.94 -2.99
CA LEU A 290 19.03 -51.32 -4.16
C LEU A 290 20.36 -51.76 -3.63
N ARG A 291 20.79 -51.11 -2.56
CA ARG A 291 22.01 -51.50 -1.90
C ARG A 291 21.37 -52.60 -1.03
N LYS A 292 22.13 -53.31 -0.21
CA LYS A 292 21.56 -54.40 0.60
C LYS A 292 21.26 -55.56 -0.34
N HIS A 293 21.24 -55.23 -1.62
CA HIS A 293 21.04 -56.20 -2.69
C HIS A 293 22.20 -55.85 -3.63
N GLU A 294 22.88 -56.84 -4.18
CA GLU A 294 24.00 -56.56 -5.04
C GLU A 294 23.55 -55.84 -6.33
N ARG A 295 22.30 -55.38 -6.34
CA ARG A 295 21.70 -54.70 -7.49
C ARG A 295 22.10 -53.25 -7.67
N GLN A 296 22.87 -52.99 -8.71
CA GLN A 296 23.29 -51.64 -8.93
C GLN A 296 22.81 -51.08 -10.25
N ARG A 297 21.52 -50.82 -10.32
CA ARG A 297 20.96 -50.31 -11.53
C ARG A 297 21.05 -48.80 -11.69
N ARG A 298 20.49 -48.32 -12.79
CA ARG A 298 20.50 -46.89 -13.06
C ARG A 298 19.61 -46.21 -12.02
N VAL A 299 20.05 -45.04 -11.55
CA VAL A 299 19.31 -44.29 -10.55
C VAL A 299 18.87 -42.92 -11.08
N LEU A 300 19.68 -42.35 -11.98
CA LEU A 300 19.38 -41.07 -12.56
C LEU A 300 19.62 -41.15 -14.07
N THR A 301 18.70 -40.58 -14.85
CA THR A 301 18.84 -40.59 -16.31
C THR A 301 19.24 -39.19 -16.78
N LEU A 302 20.39 -39.14 -17.46
CA LEU A 302 20.93 -37.89 -17.98
C LEU A 302 19.88 -37.09 -18.74
N ARG A 303 19.83 -35.79 -18.48
CA ARG A 303 18.88 -34.92 -19.15
C ARG A 303 19.62 -33.83 -19.94
N LYS A 304 20.60 -33.20 -19.30
CA LYS A 304 21.45 -32.16 -19.90
C LYS A 304 22.88 -32.25 -19.33
N VAL A 305 23.86 -32.45 -20.19
CA VAL A 305 25.25 -32.52 -19.74
C VAL A 305 25.91 -31.18 -19.99
N PHE A 306 26.65 -30.66 -19.03
CA PHE A 306 27.28 -29.38 -19.24
C PHE A 306 28.74 -29.45 -19.66
N GLN A 307 28.96 -29.99 -20.86
CA GLN A 307 30.31 -30.12 -21.42
C GLN A 307 30.91 -28.75 -21.71
N THR A 308 31.23 -28.02 -20.65
CA THR A 308 31.82 -26.68 -20.69
C THR A 308 33.27 -26.65 -21.17
N MET B 1 -31.49 -4.34 48.25
CA MET B 1 -30.45 -4.16 47.20
C MET B 1 -29.79 -5.51 46.87
N LYS B 2 -30.04 -6.02 45.67
CA LYS B 2 -29.44 -7.29 45.27
C LYS B 2 -27.94 -7.17 44.99
N HIS B 3 -27.25 -8.30 45.07
CA HIS B 3 -25.82 -8.41 44.81
C HIS B 3 -25.56 -9.76 44.18
N GLY B 4 -24.56 -9.83 43.30
CA GLY B 4 -24.26 -11.11 42.67
C GLY B 4 -23.71 -11.04 41.27
N ILE B 5 -23.77 -12.17 40.57
CA ILE B 5 -23.28 -12.29 39.21
C ILE B 5 -24.44 -12.57 38.27
N LEU B 6 -24.39 -11.95 37.09
CA LEU B 6 -25.42 -12.13 36.08
C LEU B 6 -24.80 -12.70 34.80
N VAL B 7 -25.35 -13.82 34.33
CA VAL B 7 -24.86 -14.48 33.12
C VAL B 7 -25.60 -13.92 31.91
N ALA B 8 -24.99 -12.93 31.29
CA ALA B 8 -25.58 -12.29 30.14
C ALA B 8 -25.09 -12.82 28.82
N TYR B 9 -25.90 -12.61 27.79
CA TYR B 9 -25.56 -13.03 26.44
C TYR B 9 -25.38 -11.78 25.58
N LYS B 10 -24.20 -11.63 24.98
CA LYS B 10 -23.93 -10.48 24.12
C LYS B 10 -24.24 -10.83 22.67
N PRO B 11 -25.18 -10.13 22.05
CA PRO B 11 -25.51 -10.41 20.65
C PRO B 11 -24.38 -9.88 19.77
N LYS B 12 -24.28 -10.40 18.56
CA LYS B 12 -23.26 -9.94 17.63
C LYS B 12 -23.60 -8.51 17.25
N GLY B 13 -22.63 -7.61 17.38
CA GLY B 13 -22.89 -6.23 17.03
C GLY B 13 -22.42 -5.24 18.09
N PRO B 14 -23.14 -5.17 19.22
CA PRO B 14 -22.83 -4.28 20.34
C PRO B 14 -21.56 -4.68 21.10
N THR B 15 -20.97 -3.73 21.80
CA THR B 15 -19.76 -3.97 22.57
C THR B 15 -20.11 -4.47 23.96
N SER B 16 -19.10 -4.87 24.73
CA SER B 16 -19.34 -5.35 26.08
C SER B 16 -19.85 -4.20 26.95
N HIS B 17 -19.30 -3.00 26.74
CA HIS B 17 -19.72 -1.84 27.52
C HIS B 17 -21.19 -1.53 27.29
N ASP B 18 -21.66 -1.82 26.09
CA ASP B 18 -23.06 -1.59 25.74
C ASP B 18 -23.93 -2.46 26.64
N VAL B 19 -23.46 -3.68 26.89
CA VAL B 19 -24.18 -4.62 27.74
C VAL B 19 -24.23 -4.09 29.16
N VAL B 20 -23.10 -3.63 29.64
CA VAL B 20 -23.05 -3.09 30.98
C VAL B 20 -23.98 -1.89 31.07
N ASP B 21 -23.99 -1.07 30.03
CA ASP B 21 -24.86 0.11 30.04
C ASP B 21 -26.35 -0.23 30.06
N GLU B 22 -26.72 -1.28 29.33
CA GLU B 22 -28.11 -1.73 29.26
C GLU B 22 -28.57 -2.23 30.65
N VAL B 23 -27.75 -3.07 31.28
CA VAL B 23 -28.09 -3.63 32.59
C VAL B 23 -28.18 -2.51 33.60
N ARG B 24 -27.21 -1.63 33.54
CA ARG B 24 -27.15 -0.48 34.43
C ARG B 24 -28.42 0.37 34.26
N LYS B 25 -28.86 0.52 33.02
CA LYS B 25 -30.04 1.30 32.70
C LYS B 25 -31.32 0.73 33.28
N LYS B 26 -31.52 -0.57 33.13
CA LYS B 26 -32.75 -1.20 33.61
C LYS B 26 -32.80 -1.46 35.11
N LEU B 27 -31.67 -1.79 35.74
CA LEU B 27 -31.66 -2.07 37.17
C LEU B 27 -31.69 -0.82 38.05
N LYS B 28 -31.20 0.30 37.52
CA LYS B 28 -31.16 1.55 38.28
C LYS B 28 -30.44 1.39 39.61
N THR B 29 -29.42 0.54 39.66
CA THR B 29 -28.68 0.28 40.89
C THR B 29 -27.55 1.27 41.09
N ARG B 30 -26.59 0.91 41.93
CA ARG B 30 -25.48 1.80 42.16
C ARG B 30 -24.17 1.33 41.53
N LYS B 31 -24.06 0.06 41.18
CA LYS B 31 -22.81 -0.44 40.63
C LYS B 31 -22.98 -1.64 39.72
N VAL B 32 -22.41 -1.53 38.53
CA VAL B 32 -22.47 -2.61 37.54
C VAL B 32 -21.11 -2.71 36.87
N GLY B 33 -20.67 -3.93 36.62
CA GLY B 33 -19.38 -4.14 36.01
C GLY B 33 -19.36 -5.40 35.18
N HIS B 34 -18.23 -5.66 34.53
CA HIS B 34 -18.07 -6.85 33.68
C HIS B 34 -16.69 -7.49 33.88
N GLY B 35 -16.54 -8.69 33.35
CA GLY B 35 -15.26 -9.36 33.50
C GLY B 35 -14.96 -10.23 32.31
N GLY B 36 -13.91 -9.89 31.58
CA GLY B 36 -13.54 -10.66 30.40
C GLY B 36 -14.39 -10.21 29.23
N THR B 37 -13.86 -9.22 28.51
CA THR B 37 -14.55 -8.65 27.36
C THR B 37 -14.80 -9.59 26.18
N LEU B 38 -15.75 -9.19 25.34
CA LEU B 38 -16.09 -9.93 24.14
C LEU B 38 -16.10 -8.94 22.99
N ASP B 39 -15.37 -9.25 21.92
CA ASP B 39 -15.33 -8.36 20.76
C ASP B 39 -16.70 -8.17 20.16
N PRO B 40 -16.95 -6.99 19.59
CA PRO B 40 -18.22 -6.64 18.97
C PRO B 40 -18.75 -7.70 18.00
N PHE B 41 -17.87 -8.22 17.15
CA PHE B 41 -18.27 -9.18 16.14
C PHE B 41 -18.60 -10.56 16.70
N ALA B 42 -18.20 -10.82 17.93
CA ALA B 42 -18.47 -12.12 18.55
C ALA B 42 -19.70 -12.03 19.44
N CYS B 43 -20.24 -13.20 19.81
CA CYS B 43 -21.42 -13.27 20.66
C CYS B 43 -21.19 -14.37 21.70
N GLY B 44 -21.92 -14.33 22.80
CA GLY B 44 -21.75 -15.36 23.82
C GLY B 44 -21.85 -14.93 25.26
N VAL B 45 -21.26 -15.73 26.15
CA VAL B 45 -21.31 -15.46 27.58
C VAL B 45 -20.44 -14.29 28.04
N LEU B 46 -21.05 -13.41 28.84
CA LEU B 46 -20.39 -12.24 29.39
C LEU B 46 -20.80 -12.06 30.86
N ILE B 47 -19.86 -12.30 31.78
CA ILE B 47 -20.15 -12.17 33.21
C ILE B 47 -20.37 -10.71 33.62
N ILE B 48 -21.47 -10.46 34.33
CA ILE B 48 -21.81 -9.12 34.79
C ILE B 48 -21.94 -9.05 36.31
N GLY B 49 -21.14 -8.20 36.92
CA GLY B 49 -21.19 -8.04 38.36
C GLY B 49 -22.15 -6.93 38.77
N VAL B 50 -22.90 -7.17 39.84
CA VAL B 50 -23.86 -6.19 40.34
C VAL B 50 -23.59 -5.80 41.80
N ASN B 51 -23.32 -4.51 42.00
CA ASN B 51 -23.02 -3.96 43.32
C ASN B 51 -21.85 -4.69 43.98
N GLN B 52 -22.07 -5.21 45.20
CA GLN B 52 -20.99 -5.92 45.89
C GLN B 52 -20.53 -7.13 45.08
N GLY B 53 -21.36 -7.59 44.14
CA GLY B 53 -20.99 -8.73 43.31
C GLY B 53 -19.80 -8.41 42.43
N THR B 54 -19.57 -7.12 42.19
CA THR B 54 -18.46 -6.70 41.36
C THR B 54 -17.13 -6.95 42.05
N ARG B 55 -17.16 -7.06 43.37
CA ARG B 55 -15.94 -7.26 44.12
C ARG B 55 -15.33 -8.65 43.89
N ILE B 56 -16.05 -9.54 43.22
CA ILE B 56 -15.50 -10.86 42.99
C ILE B 56 -15.35 -11.21 41.52
N LEU B 57 -15.39 -10.19 40.67
CA LEU B 57 -15.26 -10.40 39.24
C LEU B 57 -13.91 -10.96 38.88
N GLU B 58 -12.87 -10.57 39.61
CA GLU B 58 -11.54 -11.06 39.28
C GLU B 58 -11.52 -12.59 39.25
N PHE B 59 -12.28 -13.22 40.13
CA PHE B 59 -12.33 -14.68 40.17
C PHE B 59 -12.87 -15.26 38.87
N TYR B 60 -13.87 -14.60 38.30
CA TYR B 60 -14.46 -15.07 37.06
C TYR B 60 -13.54 -14.84 35.86
N LYS B 61 -12.73 -13.79 35.92
CA LYS B 61 -11.82 -13.51 34.82
C LYS B 61 -10.69 -14.53 34.78
N ASP B 62 -10.54 -15.27 35.87
CA ASP B 62 -9.50 -16.28 35.95
C ASP B 62 -9.98 -17.62 35.46
N LEU B 63 -11.30 -17.79 35.36
CA LEU B 63 -11.84 -19.05 34.89
C LEU B 63 -11.47 -19.26 33.43
N LYS B 64 -11.59 -20.50 32.97
CA LYS B 64 -11.27 -20.83 31.59
C LYS B 64 -12.43 -20.45 30.68
N LYS B 65 -12.13 -20.24 29.41
CA LYS B 65 -13.13 -19.88 28.41
C LYS B 65 -13.20 -20.91 27.28
N VAL B 66 -14.41 -21.18 26.80
CA VAL B 66 -14.63 -22.11 25.70
C VAL B 66 -15.33 -21.39 24.54
N TYR B 67 -14.67 -21.38 23.38
CA TYR B 67 -15.21 -20.73 22.21
C TYR B 67 -15.44 -21.72 21.09
N TRP B 68 -16.32 -21.33 20.17
CA TRP B 68 -16.61 -22.09 18.96
C TRP B 68 -16.29 -21.07 17.86
N VAL B 69 -15.30 -21.37 17.03
CA VAL B 69 -14.92 -20.44 15.98
C VAL B 69 -15.04 -21.00 14.56
N LYS B 70 -15.07 -20.10 13.59
CA LYS B 70 -15.14 -20.49 12.20
C LYS B 70 -14.20 -19.54 11.48
N MET B 71 -13.19 -20.09 10.82
CA MET B 71 -12.19 -19.30 10.11
C MET B 71 -12.15 -19.59 8.63
N ARG B 72 -11.89 -18.54 7.83
CA ARG B 72 -11.82 -18.65 6.37
C ARG B 72 -10.36 -18.74 5.97
N LEU B 73 -9.97 -19.85 5.37
CA LEU B 73 -8.61 -20.03 4.92
C LEU B 73 -8.34 -19.22 3.66
N GLY B 74 -7.12 -18.68 3.57
CA GLY B 74 -6.75 -17.89 2.41
C GLY B 74 -7.29 -16.47 2.39
N LEU B 75 -7.61 -15.95 3.58
CA LEU B 75 -8.13 -14.59 3.71
C LEU B 75 -7.44 -13.93 4.89
N ILE B 76 -6.95 -12.72 4.69
CA ILE B 76 -6.25 -12.00 5.74
C ILE B 76 -6.75 -10.57 5.81
N THR B 77 -7.34 -10.20 6.95
CA THR B 77 -7.84 -8.85 7.10
C THR B 77 -6.93 -8.10 8.05
N GLU B 78 -7.23 -6.83 8.26
CA GLU B 78 -6.43 -6.00 9.14
C GLU B 78 -6.53 -6.46 10.59
N THR B 79 -7.76 -6.71 11.02
CA THR B 79 -8.03 -7.13 12.41
C THR B 79 -8.11 -8.63 12.61
N PHE B 80 -7.95 -9.37 11.52
CA PHE B 80 -8.01 -10.82 11.56
C PHE B 80 -9.42 -11.38 11.71
N ASP B 81 -10.43 -10.59 11.37
CA ASP B 81 -11.81 -11.05 11.42
C ASP B 81 -12.57 -10.37 10.29
N ILE B 82 -13.70 -10.95 9.86
CA ILE B 82 -14.49 -10.40 8.77
C ILE B 82 -14.78 -8.91 8.84
N THR B 83 -14.92 -8.36 10.04
CA THR B 83 -15.21 -6.93 10.18
C THR B 83 -13.97 -6.11 9.86
N GLY B 84 -12.87 -6.79 9.55
CA GLY B 84 -11.64 -6.10 9.23
C GLY B 84 -11.46 -5.90 7.74
N GLU B 85 -10.76 -4.84 7.37
CA GLU B 85 -10.53 -4.54 5.97
C GLU B 85 -9.65 -5.60 5.34
N VAL B 86 -10.09 -6.18 4.23
CA VAL B 86 -9.32 -7.21 3.54
C VAL B 86 -8.01 -6.62 3.07
N VAL B 87 -6.89 -7.16 3.55
CA VAL B 87 -5.59 -6.65 3.18
C VAL B 87 -4.80 -7.59 2.30
N GLU B 88 -5.25 -8.83 2.19
CA GLU B 88 -4.52 -9.80 1.39
C GLU B 88 -5.31 -11.09 1.26
N GLU B 89 -5.21 -11.72 0.09
CA GLU B 89 -5.92 -12.97 -0.13
C GLU B 89 -5.07 -13.90 -0.97
N ARG B 90 -4.47 -14.88 -0.30
CA ARG B 90 -3.61 -15.87 -0.93
C ARG B 90 -4.44 -17.01 -1.48
N GLU B 91 -3.77 -18.10 -1.82
CA GLU B 91 -4.44 -19.26 -2.36
C GLU B 91 -4.15 -20.46 -1.47
N CYS B 92 -5.20 -21.18 -1.07
CA CYS B 92 -5.00 -22.34 -0.22
C CYS B 92 -5.53 -23.61 -0.88
N ASN B 93 -4.73 -24.65 -0.86
CA ASN B 93 -5.12 -25.93 -1.42
C ASN B 93 -4.43 -27.04 -0.64
N VAL B 94 -4.75 -27.12 0.65
CA VAL B 94 -4.19 -28.12 1.53
C VAL B 94 -5.23 -29.20 1.81
N THR B 95 -4.78 -30.38 2.23
CA THR B 95 -5.67 -31.50 2.51
C THR B 95 -6.23 -31.43 3.92
N GLU B 96 -7.36 -32.12 4.14
CA GLU B 96 -7.99 -32.15 5.45
C GLU B 96 -7.03 -32.68 6.51
N GLU B 97 -6.09 -33.52 6.09
CA GLU B 97 -5.11 -34.08 7.01
C GLU B 97 -4.05 -33.02 7.34
N GLU B 98 -3.82 -32.11 6.40
CA GLU B 98 -2.83 -31.05 6.61
C GLU B 98 -3.40 -29.99 7.55
N ILE B 99 -4.72 -29.78 7.43
CA ILE B 99 -5.43 -28.81 8.25
C ILE B 99 -5.51 -29.32 9.69
N ARG B 100 -6.11 -30.49 9.87
CA ARG B 100 -6.24 -31.07 11.20
C ARG B 100 -4.89 -31.12 11.90
N GLU B 101 -3.87 -31.54 11.17
CA GLU B 101 -2.53 -31.63 11.74
C GLU B 101 -2.14 -30.25 12.29
N ALA B 102 -2.43 -29.21 11.52
CA ALA B 102 -2.10 -27.84 11.89
C ALA B 102 -2.90 -27.38 13.11
N ILE B 103 -4.19 -27.65 13.08
CA ILE B 103 -5.08 -27.27 14.17
C ILE B 103 -4.62 -27.85 15.51
N PHE B 104 -4.69 -29.17 15.63
CA PHE B 104 -4.29 -29.84 16.87
C PHE B 104 -2.82 -29.65 17.22
N SER B 105 -2.09 -28.89 16.42
CA SER B 105 -0.68 -28.68 16.72
C SER B 105 -0.46 -27.53 17.68
N PHE B 106 -1.54 -26.84 18.01
CA PHE B 106 -1.44 -25.70 18.94
C PHE B 106 -1.85 -26.03 20.37
N VAL B 107 -2.25 -27.26 20.64
CA VAL B 107 -2.66 -27.63 22.00
C VAL B 107 -1.45 -27.60 22.95
N GLY B 108 -1.50 -26.72 23.95
CA GLY B 108 -0.39 -26.57 24.89
C GLY B 108 -0.22 -25.11 25.25
N GLU B 109 0.90 -24.52 24.87
CA GLU B 109 1.11 -23.10 25.15
C GLU B 109 2.16 -22.56 24.19
N TYR B 110 1.97 -21.34 23.70
CA TYR B 110 2.91 -20.82 22.73
C TYR B 110 3.24 -19.34 22.68
N ASP B 111 2.90 -18.58 23.71
CA ASP B 111 3.23 -17.15 23.65
C ASP B 111 2.68 -16.54 22.35
N GLN B 112 1.38 -16.27 22.28
CA GLN B 112 0.81 -15.68 21.08
C GLN B 112 0.99 -14.16 21.07
N VAL B 113 0.69 -13.54 19.94
CA VAL B 113 0.80 -12.10 19.81
C VAL B 113 -0.58 -11.58 19.49
N PRO B 114 -0.81 -10.29 19.72
CA PRO B 114 -2.11 -9.67 19.45
C PRO B 114 -2.50 -9.74 17.98
N PRO B 115 -3.79 -9.97 17.70
CA PRO B 115 -4.29 -10.08 16.33
C PRO B 115 -4.23 -8.72 15.62
N ALA B 116 -3.18 -8.52 14.85
CA ALA B 116 -3.03 -7.25 14.16
C ALA B 116 -2.05 -7.31 13.00
N TYR B 117 -2.47 -6.71 11.90
CA TYR B 117 -1.70 -6.61 10.67
C TYR B 117 -1.32 -5.14 10.71
N SER B 118 -0.15 -4.77 10.19
CA SER B 118 0.24 -3.36 10.19
C SER B 118 0.49 -2.78 11.58
N ALA B 119 1.74 -2.40 11.85
CA ALA B 119 2.10 -1.83 13.14
C ALA B 119 2.55 -0.39 12.92
N LYS B 120 3.63 0.01 13.58
CA LYS B 120 4.17 1.37 13.41
C LYS B 120 5.08 1.29 12.19
N LYS B 121 5.75 0.14 12.09
CA LYS B 121 6.66 -0.15 10.99
C LYS B 121 6.44 -1.63 10.70
N TYR B 122 6.54 -2.02 9.44
CA TYR B 122 6.34 -3.41 9.03
C TYR B 122 4.87 -3.84 9.03
N LYS B 123 4.56 -4.87 8.24
CA LYS B 123 3.21 -5.42 8.14
C LYS B 123 3.31 -6.82 7.55
N GLY B 124 2.18 -7.53 7.54
CA GLY B 124 2.18 -8.87 7.00
C GLY B 124 3.16 -9.79 7.71
N GLU B 125 3.48 -10.92 7.07
CA GLU B 125 4.40 -11.91 7.64
C GLU B 125 5.65 -11.33 8.29
N ARG B 126 6.20 -10.27 7.68
CA ARG B 126 7.39 -9.64 8.22
C ARG B 126 7.08 -9.07 9.62
N LEU B 127 5.99 -8.32 9.74
CA LEU B 127 5.63 -7.79 11.04
C LEU B 127 5.33 -8.96 11.96
N TYR B 128 4.73 -9.99 11.39
CA TYR B 128 4.37 -11.19 12.13
C TYR B 128 5.62 -11.84 12.73
N LYS B 129 6.42 -12.47 11.88
CA LYS B 129 7.65 -13.13 12.30
C LYS B 129 8.42 -12.27 13.32
N LEU B 130 8.60 -10.99 13.01
CA LEU B 130 9.31 -10.09 13.90
C LEU B 130 8.66 -10.00 15.27
N ALA B 131 7.33 -9.91 15.28
CA ALA B 131 6.59 -9.81 16.53
C ALA B 131 6.74 -11.06 17.39
N ARG B 132 6.71 -12.23 16.73
CA ARG B 132 6.86 -13.49 17.43
C ARG B 132 8.25 -13.58 18.03
N GLU B 133 9.18 -12.79 17.50
CA GLU B 133 10.55 -12.78 18.01
C GLU B 133 10.68 -11.69 19.07
N GLY B 134 9.63 -10.90 19.23
CA GLY B 134 9.65 -9.84 20.21
C GLY B 134 10.63 -8.74 19.85
N LYS B 135 10.19 -7.81 19.01
CA LYS B 135 11.06 -6.71 18.62
C LYS B 135 10.23 -5.44 18.61
N ILE B 136 8.93 -5.57 18.37
CA ILE B 136 8.04 -4.41 18.36
C ILE B 136 7.81 -3.97 19.80
N ILE B 137 7.42 -2.71 19.97
CA ILE B 137 7.17 -2.17 21.30
C ILE B 137 5.75 -2.47 21.75
N ASN B 138 4.90 -2.91 20.84
CA ASN B 138 3.51 -3.22 21.17
C ASN B 138 3.16 -4.62 20.71
N LEU B 139 4.02 -5.56 21.04
CA LEU B 139 3.83 -6.94 20.66
C LEU B 139 3.88 -7.93 21.84
N PRO B 140 3.46 -7.49 23.05
CA PRO B 140 3.52 -8.43 24.17
C PRO B 140 3.14 -9.87 23.77
N PRO B 141 4.15 -10.73 23.59
CA PRO B 141 3.95 -12.13 23.22
C PRO B 141 3.35 -13.00 24.33
N LYS B 142 2.43 -12.42 25.11
CA LYS B 142 1.75 -13.09 26.21
C LYS B 142 1.60 -14.60 26.02
N ARG B 143 2.06 -15.37 27.00
CA ARG B 143 1.94 -16.82 26.95
C ARG B 143 0.48 -17.21 27.12
N VAL B 144 0.07 -18.29 26.48
CA VAL B 144 -1.32 -18.70 26.62
C VAL B 144 -1.43 -20.22 26.67
N LYS B 145 -2.58 -20.72 27.09
CA LYS B 145 -2.74 -22.17 27.13
C LYS B 145 -3.95 -22.62 26.33
N ILE B 146 -3.70 -23.51 25.38
CA ILE B 146 -4.77 -24.06 24.57
C ILE B 146 -4.98 -25.44 25.19
N PHE B 147 -5.94 -25.56 26.11
CA PHE B 147 -6.18 -26.82 26.79
C PHE B 147 -6.60 -27.95 25.88
N LYS B 148 -7.66 -27.75 25.10
CA LYS B 148 -8.09 -28.81 24.20
C LYS B 148 -8.89 -28.26 23.04
N ILE B 149 -8.81 -28.96 21.91
CA ILE B 149 -9.52 -28.55 20.71
C ILE B 149 -10.30 -29.77 20.26
N TRP B 150 -11.57 -29.57 19.92
CA TRP B 150 -12.41 -30.68 19.47
C TRP B 150 -13.48 -30.20 18.54
N ASP B 151 -14.30 -31.13 18.05
CA ASP B 151 -15.39 -30.82 17.13
C ASP B 151 -14.91 -30.05 15.91
N VAL B 152 -13.85 -30.54 15.27
CA VAL B 152 -13.34 -29.86 14.07
C VAL B 152 -14.16 -30.24 12.86
N ASN B 153 -14.47 -29.25 12.03
CA ASN B 153 -15.27 -29.53 10.85
C ASN B 153 -14.79 -28.73 9.63
N ILE B 154 -14.16 -29.42 8.68
CA ILE B 154 -13.64 -28.79 7.48
C ILE B 154 -14.62 -28.84 6.31
N GLU B 155 -15.17 -27.69 5.93
CA GLU B 155 -16.12 -27.62 4.84
C GLU B 155 -15.68 -26.61 3.78
N GLY B 156 -14.77 -27.05 2.93
CA GLY B 156 -14.25 -26.17 1.89
C GLY B 156 -13.15 -25.31 2.47
N ARG B 157 -13.21 -24.02 2.18
CA ARG B 157 -12.21 -23.07 2.66
C ARG B 157 -12.49 -22.70 4.13
N ASP B 158 -13.72 -22.97 4.58
CA ASP B 158 -14.10 -22.64 5.95
C ASP B 158 -14.05 -23.82 6.92
N VAL B 159 -13.37 -23.63 8.04
CA VAL B 159 -13.27 -24.68 9.05
C VAL B 159 -13.72 -24.13 10.40
N SER B 160 -14.30 -24.98 11.22
CA SER B 160 -14.77 -24.57 12.54
C SER B 160 -14.35 -25.62 13.57
N PHE B 161 -14.36 -25.22 14.83
CA PHE B 161 -13.98 -26.10 15.93
C PHE B 161 -14.20 -25.39 17.26
N ARG B 162 -14.03 -26.14 18.35
CA ARG B 162 -14.19 -25.61 19.70
C ARG B 162 -12.85 -25.65 20.42
N VAL B 163 -12.59 -24.65 21.26
CA VAL B 163 -11.35 -24.56 22.03
C VAL B 163 -11.56 -24.12 23.46
N GLU B 164 -10.83 -24.76 24.37
CA GLU B 164 -10.89 -24.39 25.78
C GLU B 164 -9.55 -23.71 26.00
N VAL B 165 -9.60 -22.41 26.27
CA VAL B 165 -8.37 -21.65 26.45
C VAL B 165 -8.33 -20.82 27.72
N SER B 166 -7.13 -20.48 28.14
CA SER B 166 -6.91 -19.68 29.33
C SER B 166 -7.24 -18.22 29.03
N PRO B 167 -7.69 -17.47 30.05
CA PRO B 167 -8.03 -16.08 29.83
C PRO B 167 -6.87 -15.26 29.28
N GLY B 168 -7.20 -14.24 28.51
CA GLY B 168 -6.17 -13.39 27.95
C GLY B 168 -5.69 -13.87 26.60
N THR B 169 -6.36 -14.87 26.07
CA THR B 169 -5.98 -15.43 24.77
C THR B 169 -6.88 -14.90 23.66
N TYR B 170 -6.28 -14.43 22.57
CA TYR B 170 -7.06 -13.93 21.45
C TYR B 170 -7.39 -15.09 20.53
N ILE B 171 -8.67 -15.32 20.25
CA ILE B 171 -9.04 -16.40 19.34
C ILE B 171 -8.66 -15.99 17.92
N ARG B 172 -8.79 -14.70 17.60
CA ARG B 172 -8.43 -14.23 16.29
C ARG B 172 -6.98 -14.62 16.04
N SER B 173 -6.12 -14.39 17.04
CA SER B 173 -4.70 -14.72 16.92
C SER B 173 -4.45 -16.20 16.67
N LEU B 174 -5.21 -17.04 17.35
CA LEU B 174 -5.06 -18.48 17.19
C LEU B 174 -5.33 -18.90 15.75
N CYS B 175 -6.34 -18.30 15.12
CA CYS B 175 -6.64 -18.65 13.75
C CYS B 175 -5.47 -18.26 12.86
N MET B 176 -5.11 -16.98 12.91
CA MET B 176 -4.01 -16.50 12.09
C MET B 176 -2.81 -17.42 12.18
N ASP B 177 -2.38 -17.71 13.40
CA ASP B 177 -1.24 -18.60 13.62
C ASP B 177 -1.45 -19.92 12.87
N ILE B 178 -2.64 -20.48 12.99
CA ILE B 178 -2.95 -21.73 12.29
C ILE B 178 -2.88 -21.48 10.79
N GLY B 179 -3.33 -20.29 10.38
CA GLY B 179 -3.33 -19.91 8.98
C GLY B 179 -1.95 -19.82 8.39
N TYR B 180 -0.98 -19.47 9.20
CA TYR B 180 0.39 -19.36 8.72
C TYR B 180 1.08 -20.72 8.75
N LYS B 181 0.62 -21.58 9.64
CA LYS B 181 1.17 -22.92 9.74
C LYS B 181 0.88 -23.56 8.37
N LEU B 182 -0.37 -23.44 7.92
CA LEU B 182 -0.79 -23.98 6.64
C LEU B 182 -0.11 -23.22 5.51
N GLY B 183 0.24 -21.96 5.78
CA GLY B 183 0.91 -21.15 4.80
C GLY B 183 0.00 -20.38 3.86
N CYS B 184 -1.13 -19.91 4.35
CA CYS B 184 -2.03 -19.16 3.49
C CYS B 184 -2.94 -18.21 4.26
N GLY B 185 -2.62 -18.01 5.54
CA GLY B 185 -3.38 -17.11 6.38
C GLY B 185 -4.80 -17.55 6.61
N ALA B 186 -5.41 -17.03 7.67
CA ALA B 186 -6.78 -17.37 8.01
C ALA B 186 -7.39 -16.20 8.76
N THR B 187 -8.70 -16.08 8.70
CA THR B 187 -9.40 -14.99 9.38
C THR B 187 -10.64 -15.53 10.09
N ALA B 188 -10.96 -14.99 11.26
CA ALA B 188 -12.13 -15.42 12.01
C ALA B 188 -13.34 -14.78 11.37
N VAL B 189 -14.33 -15.60 11.05
CA VAL B 189 -15.53 -15.11 10.40
C VAL B 189 -16.72 -15.21 11.34
N GLU B 190 -16.56 -16.05 12.35
CA GLU B 190 -17.64 -16.26 13.31
C GLU B 190 -17.05 -16.69 14.64
N LEU B 191 -17.57 -16.13 15.73
CA LEU B 191 -17.04 -16.46 17.04
C LEU B 191 -18.11 -16.41 18.12
N VAL B 192 -18.22 -17.51 18.85
CA VAL B 192 -19.21 -17.61 19.90
C VAL B 192 -18.61 -18.16 21.19
N ARG B 193 -18.72 -17.40 22.27
CA ARG B 193 -18.18 -17.90 23.54
C ARG B 193 -19.32 -18.69 24.19
N GLU B 194 -19.17 -20.00 24.15
CA GLU B 194 -20.17 -20.92 24.68
C GLU B 194 -20.17 -21.06 26.20
N SER B 195 -19.04 -20.77 26.84
CA SER B 195 -18.96 -20.85 28.30
C SER B 195 -17.79 -20.15 28.98
N VAL B 196 -18.02 -19.76 30.23
CA VAL B 196 -17.00 -19.14 31.07
C VAL B 196 -17.16 -19.93 32.37
N GLY B 197 -16.14 -20.72 32.69
CA GLY B 197 -16.21 -21.54 33.89
C GLY B 197 -17.39 -22.45 33.72
N PRO B 198 -18.22 -22.62 34.75
CA PRO B 198 -19.40 -23.50 34.63
C PRO B 198 -20.59 -22.78 34.04
N HIS B 199 -20.47 -21.48 33.80
CA HIS B 199 -21.57 -20.71 33.24
C HIS B 199 -21.66 -20.84 31.71
N THR B 200 -22.77 -21.43 31.24
CA THR B 200 -22.98 -21.67 29.81
C THR B 200 -23.90 -20.68 29.09
N ILE B 201 -23.78 -20.68 27.77
CA ILE B 201 -24.57 -19.80 26.93
C ILE B 201 -26.07 -20.16 26.96
N GLU B 202 -26.37 -21.44 27.12
CA GLU B 202 -27.76 -21.89 27.19
C GLU B 202 -28.40 -21.29 28.44
N GLU B 203 -27.54 -21.02 29.42
CA GLU B 203 -27.94 -20.44 30.69
C GLU B 203 -28.04 -18.91 30.62
N SER B 204 -27.29 -18.32 29.70
CA SER B 204 -27.28 -16.86 29.58
C SER B 204 -28.65 -16.22 29.30
N LEU B 205 -28.68 -14.90 29.40
CA LEU B 205 -29.90 -14.13 29.18
C LEU B 205 -29.55 -12.91 28.34
N ASN B 206 -30.45 -12.52 27.44
CA ASN B 206 -30.21 -11.35 26.60
C ASN B 206 -30.81 -10.11 27.24
N VAL B 207 -30.02 -9.41 28.04
CA VAL B 207 -30.49 -8.22 28.73
C VAL B 207 -31.19 -7.19 27.83
N PHE B 208 -30.77 -7.10 26.58
CA PHE B 208 -31.38 -6.14 25.67
C PHE B 208 -32.88 -6.39 25.50
N GLU B 209 -33.25 -7.65 25.39
CA GLU B 209 -34.65 -8.03 25.20
C GLU B 209 -35.35 -8.46 26.47
N ALA B 210 -34.71 -8.27 27.61
CA ALA B 210 -35.27 -8.67 28.90
C ALA B 210 -35.87 -7.53 29.71
N ALA B 211 -37.00 -7.82 30.34
CA ALA B 211 -37.67 -6.84 31.17
C ALA B 211 -36.92 -6.73 32.50
N PRO B 212 -36.92 -5.53 33.10
CA PRO B 212 -36.23 -5.36 34.37
C PRO B 212 -36.45 -6.50 35.37
N GLU B 213 -37.70 -6.87 35.62
CA GLU B 213 -37.97 -7.95 36.58
C GLU B 213 -37.17 -9.19 36.22
N GLU B 214 -37.23 -9.53 34.93
CA GLU B 214 -36.51 -10.68 34.40
C GLU B 214 -35.04 -10.63 34.82
N ILE B 215 -34.36 -9.55 34.43
CA ILE B 215 -32.94 -9.38 34.73
C ILE B 215 -32.64 -9.50 36.22
N GLU B 216 -33.36 -8.72 37.04
CA GLU B 216 -33.18 -8.74 38.49
C GLU B 216 -33.41 -10.15 39.03
N ASN B 217 -34.57 -10.71 38.69
CA ASN B 217 -34.94 -12.03 39.15
C ASN B 217 -34.00 -13.09 38.61
N ARG B 218 -32.99 -12.67 37.87
CA ARG B 218 -32.09 -13.62 37.28
C ARG B 218 -30.65 -13.57 37.77
N ILE B 219 -30.37 -12.72 38.76
CA ILE B 219 -29.02 -12.60 39.32
C ILE B 219 -28.72 -13.74 40.30
N ILE B 220 -27.49 -14.23 40.26
CA ILE B 220 -27.09 -15.29 41.19
C ILE B 220 -26.60 -14.57 42.46
N PRO B 221 -27.34 -14.73 43.57
CA PRO B 221 -26.94 -14.08 44.83
C PRO B 221 -25.57 -14.57 45.30
N LEU B 222 -24.85 -13.70 46.00
CA LEU B 222 -23.51 -14.05 46.50
C LEU B 222 -23.41 -15.44 47.10
N GLU B 223 -24.42 -15.83 47.87
CA GLU B 223 -24.46 -17.15 48.51
C GLU B 223 -24.29 -18.31 47.53
N LYS B 224 -24.60 -18.07 46.27
CA LYS B 224 -24.51 -19.11 45.25
C LYS B 224 -23.32 -18.92 44.32
N CYS B 225 -22.61 -17.81 44.46
CA CYS B 225 -21.48 -17.55 43.60
C CYS B 225 -20.24 -18.30 44.04
N LEU B 226 -19.29 -18.44 43.11
CA LEU B 226 -18.06 -19.13 43.42
C LEU B 226 -18.39 -20.48 43.99
N GLU B 227 -19.44 -21.11 43.47
CA GLU B 227 -19.90 -22.41 43.95
C GLU B 227 -18.78 -23.36 44.35
N TRP B 228 -17.66 -23.35 43.62
CA TRP B 228 -16.48 -24.18 43.92
C TRP B 228 -15.85 -23.49 45.11
N LEU B 229 -14.59 -23.76 45.44
CA LEU B 229 -13.99 -23.10 46.60
C LEU B 229 -14.59 -23.63 47.91
N PRO B 230 -13.74 -24.04 48.86
CA PRO B 230 -14.21 -24.56 50.14
C PRO B 230 -15.05 -23.53 50.89
N ARG B 231 -15.99 -24.03 51.69
CA ARG B 231 -16.85 -23.16 52.49
C ARG B 231 -16.75 -23.56 53.97
N VAL B 232 -16.53 -22.59 54.83
CA VAL B 232 -16.46 -22.84 56.26
C VAL B 232 -17.53 -21.96 56.88
N VAL B 233 -18.22 -22.46 57.91
CA VAL B 233 -19.24 -21.65 58.55
C VAL B 233 -18.87 -21.33 59.99
N VAL B 234 -19.06 -20.08 60.37
CA VAL B 234 -18.72 -19.68 61.72
C VAL B 234 -19.99 -19.54 62.53
N HIS B 235 -19.86 -19.63 63.85
CA HIS B 235 -21.03 -19.50 64.74
C HIS B 235 -21.70 -18.16 64.47
N GLN B 236 -23.03 -18.16 64.43
CA GLN B 236 -23.82 -16.94 64.20
C GLN B 236 -23.29 -15.71 64.92
N GLU B 237 -23.15 -15.89 66.23
CA GLU B 237 -22.66 -14.88 67.16
C GLU B 237 -21.45 -14.03 66.66
N SER B 238 -20.61 -14.62 65.83
CA SER B 238 -19.44 -13.92 65.31
C SER B 238 -19.72 -13.10 64.07
N THR B 239 -20.97 -13.04 63.65
CA THR B 239 -21.28 -12.32 62.43
C THR B 239 -20.84 -10.85 62.47
N LYS B 240 -21.24 -10.12 63.50
CA LYS B 240 -20.89 -8.71 63.59
C LYS B 240 -19.40 -8.39 63.55
N MET B 241 -18.63 -8.97 64.46
CA MET B 241 -17.21 -8.69 64.49
C MET B 241 -16.50 -9.06 63.18
N ILE B 242 -17.06 -10.00 62.42
CA ILE B 242 -16.48 -10.42 61.16
C ILE B 242 -16.81 -9.38 60.11
N LEU B 243 -18.05 -8.93 60.10
CA LEU B 243 -18.49 -7.91 59.15
C LEU B 243 -17.60 -6.66 59.30
N ASN B 244 -17.05 -6.44 60.48
CA ASN B 244 -16.12 -5.32 60.69
C ASN B 244 -14.74 -5.95 60.41
N GLY B 245 -13.70 -5.54 61.13
CA GLY B 245 -12.40 -6.15 60.88
C GLY B 245 -12.43 -7.57 61.43
N SER B 246 -11.51 -7.86 62.33
CA SER B 246 -11.46 -9.17 62.99
C SER B 246 -11.25 -10.38 62.09
N GLN B 247 -10.09 -11.01 62.29
CA GLN B 247 -9.74 -12.21 61.55
C GLN B 247 -10.51 -13.35 62.23
N ILE B 248 -10.51 -14.51 61.58
CA ILE B 248 -11.21 -15.68 62.09
C ILE B 248 -10.28 -16.68 62.76
N HIS B 249 -10.56 -17.02 64.02
CA HIS B 249 -9.74 -18.00 64.75
C HIS B 249 -10.41 -19.37 64.91
N LEU B 250 -9.63 -20.35 65.35
CA LEU B 250 -10.12 -21.71 65.55
C LEU B 250 -11.46 -21.82 66.26
N GLU B 251 -11.55 -21.30 67.48
CA GLU B 251 -12.79 -21.37 68.26
C GLU B 251 -14.00 -20.65 67.67
N MET B 252 -13.78 -19.84 66.64
CA MET B 252 -14.87 -19.12 66.01
C MET B 252 -15.55 -19.98 64.95
N LEU B 253 -14.82 -20.96 64.44
CA LEU B 253 -15.30 -21.88 63.41
C LEU B 253 -16.27 -22.94 63.92
N LYS B 254 -17.16 -23.40 63.06
CA LYS B 254 -18.13 -24.42 63.44
C LYS B 254 -18.18 -25.56 62.45
N GLU B 255 -17.89 -25.29 61.18
CA GLU B 255 -17.89 -26.33 60.17
C GLU B 255 -16.89 -26.11 59.06
N TRP B 256 -16.10 -27.14 58.78
CA TRP B 256 -15.05 -27.12 57.74
C TRP B 256 -15.61 -27.50 56.38
N ASP B 257 -14.71 -27.88 55.49
CA ASP B 257 -15.07 -28.28 54.15
C ASP B 257 -13.80 -28.75 53.48
N GLY B 258 -12.71 -28.74 54.23
CA GLY B 258 -11.43 -29.19 53.72
C GLY B 258 -10.73 -28.17 52.85
N PHE B 259 -9.53 -27.79 53.27
CA PHE B 259 -8.76 -26.80 52.52
C PHE B 259 -7.27 -26.81 52.82
N LYS B 260 -6.49 -26.38 51.83
CA LYS B 260 -5.04 -26.29 51.92
C LYS B 260 -4.61 -24.91 52.43
N LYS B 261 -3.30 -24.68 52.54
CA LYS B 261 -2.79 -23.40 53.02
C LYS B 261 -3.28 -22.17 52.27
N GLY B 262 -2.47 -21.65 51.36
CA GLY B 262 -2.86 -20.45 50.61
C GLY B 262 -4.26 -20.37 50.00
N GLU B 263 -4.95 -21.51 49.92
CA GLU B 263 -6.29 -21.58 49.35
C GLU B 263 -7.25 -20.52 49.87
N VAL B 264 -8.27 -20.20 49.06
CA VAL B 264 -9.25 -19.20 49.44
C VAL B 264 -10.59 -19.85 49.73
N VAL B 265 -11.20 -19.49 50.87
CA VAL B 265 -12.48 -20.08 51.24
C VAL B 265 -13.58 -19.08 51.53
N ARG B 266 -14.82 -19.55 51.31
CA ARG B 266 -16.01 -18.75 51.54
C ARG B 266 -16.37 -18.85 53.01
N VAL B 267 -16.69 -17.72 53.65
CA VAL B 267 -17.04 -17.70 55.06
C VAL B 267 -18.52 -17.46 55.27
N PHE B 268 -19.26 -18.49 55.64
CA PHE B 268 -20.70 -18.33 55.87
C PHE B 268 -21.03 -18.28 57.36
N ASN B 269 -22.23 -17.84 57.70
CA ASN B 269 -22.67 -17.83 59.08
C ASN B 269 -23.71 -18.95 59.18
N GLU B 270 -24.24 -19.19 60.38
CA GLU B 270 -25.22 -20.25 60.51
C GLU B 270 -26.52 -19.96 59.77
N GLU B 271 -26.83 -18.68 59.62
CA GLU B 271 -28.05 -18.31 58.90
C GLU B 271 -27.93 -18.51 57.40
N GLY B 272 -26.73 -18.81 56.91
CA GLY B 272 -26.54 -19.01 55.48
C GLY B 272 -26.07 -17.81 54.68
N ARG B 273 -25.72 -16.74 55.37
CA ARG B 273 -25.26 -15.53 54.72
C ARG B 273 -23.76 -15.54 54.49
N LEU B 274 -23.34 -15.08 53.30
CA LEU B 274 -21.91 -15.04 52.97
C LEU B 274 -21.30 -13.79 53.58
N LEU B 275 -20.48 -13.99 54.60
CA LEU B 275 -19.87 -12.88 55.29
C LEU B 275 -18.62 -12.35 54.64
N ALA B 276 -17.77 -13.24 54.13
CA ALA B 276 -16.53 -12.81 53.49
C ALA B 276 -15.76 -13.91 52.78
N LEU B 277 -14.61 -13.53 52.21
CA LEU B 277 -13.73 -14.46 51.52
C LEU B 277 -12.38 -14.31 52.22
N ALA B 278 -11.81 -15.43 52.63
CA ALA B 278 -10.53 -15.40 53.32
C ALA B 278 -9.56 -16.50 52.87
N GLU B 279 -8.29 -16.27 53.17
CA GLU B 279 -7.21 -17.20 52.84
C GLU B 279 -6.83 -18.03 54.05
N ALA B 280 -6.67 -19.34 53.86
CA ALA B 280 -6.31 -20.21 54.97
C ALA B 280 -4.87 -20.03 55.43
N GLU B 281 -4.70 -19.77 56.71
CA GLU B 281 -3.37 -19.59 57.27
C GLU B 281 -2.79 -20.95 57.62
N ARG B 282 -3.63 -21.99 57.51
CA ARG B 282 -3.21 -23.36 57.80
C ARG B 282 -4.05 -24.37 57.02
N ASN B 283 -3.74 -25.66 57.16
CA ASN B 283 -4.51 -26.69 56.46
C ASN B 283 -5.71 -27.16 57.27
N SER B 284 -6.69 -27.68 56.54
CA SER B 284 -7.93 -28.18 57.12
C SER B 284 -7.73 -29.55 57.75
N SER B 285 -6.93 -29.62 58.80
CA SER B 285 -6.70 -30.91 59.45
C SER B 285 -5.74 -30.70 60.60
N PHE B 286 -5.02 -29.59 60.55
CA PHE B 286 -4.08 -29.25 61.59
C PHE B 286 -4.93 -28.58 62.65
N LEU B 287 -6.25 -28.56 62.43
CA LEU B 287 -7.14 -27.93 63.39
C LEU B 287 -7.34 -28.82 64.62
N GLU B 288 -7.50 -30.11 64.40
CA GLU B 288 -7.71 -31.06 65.51
C GLU B 288 -6.52 -31.05 66.47
N THR B 289 -5.31 -30.89 65.95
CA THR B 289 -4.13 -30.85 66.79
C THR B 289 -4.02 -29.48 67.44
N LEU B 290 -4.42 -28.44 66.71
CA LEU B 290 -4.38 -27.08 67.22
C LEU B 290 -5.46 -26.95 68.30
N ARG B 291 -6.50 -27.76 68.16
CA ARG B 291 -7.62 -27.78 69.10
C ARG B 291 -7.23 -28.56 70.36
N LYS B 292 -6.26 -29.46 70.22
CA LYS B 292 -5.77 -30.28 71.32
C LYS B 292 -4.95 -29.44 72.29
N HIS B 293 -3.95 -28.75 71.76
CA HIS B 293 -3.11 -27.90 72.60
C HIS B 293 -3.76 -26.52 72.72
N GLU B 294 -5.09 -26.51 72.76
CA GLU B 294 -5.87 -25.28 72.87
C GLU B 294 -5.13 -24.01 72.45
N ARG B 295 -4.92 -23.86 71.15
CA ARG B 295 -4.22 -22.69 70.64
C ARG B 295 -5.16 -21.86 69.79
N GLN B 296 -5.55 -20.70 70.31
CA GLN B 296 -6.45 -19.82 69.59
C GLN B 296 -5.79 -19.04 68.44
N ARG B 297 -5.02 -19.73 67.61
CA ARG B 297 -4.33 -19.09 66.49
C ARG B 297 -5.34 -18.65 65.43
N ARG B 298 -4.90 -17.79 64.52
CA ARG B 298 -5.77 -17.35 63.45
C ARG B 298 -5.78 -18.45 62.40
N VAL B 299 -6.97 -18.83 61.93
CA VAL B 299 -7.10 -19.87 60.92
C VAL B 299 -7.27 -19.26 59.54
N LEU B 300 -8.08 -18.22 59.43
CA LEU B 300 -8.28 -17.58 58.15
C LEU B 300 -7.95 -16.10 58.20
N THR B 301 -7.69 -15.53 57.02
CA THR B 301 -7.39 -14.11 56.96
C THR B 301 -8.32 -13.43 55.97
N LEU B 302 -9.02 -12.40 56.44
CA LEU B 302 -9.97 -11.67 55.61
C LEU B 302 -9.35 -11.12 54.33
N ARG B 303 -10.00 -11.38 53.21
CA ARG B 303 -9.53 -10.93 51.90
C ARG B 303 -10.61 -10.14 51.14
N LYS B 304 -11.86 -10.33 51.51
CA LYS B 304 -12.99 -9.64 50.89
C LYS B 304 -14.20 -9.78 51.82
N VAL B 305 -14.68 -8.66 52.37
CA VAL B 305 -15.83 -8.67 53.27
C VAL B 305 -17.07 -8.11 52.58
N PHE B 306 -18.23 -8.73 52.82
CA PHE B 306 -19.45 -8.26 52.19
C PHE B 306 -20.42 -7.57 53.12
N GLN B 307 -20.21 -6.28 53.36
CA GLN B 307 -21.10 -5.52 54.22
C GLN B 307 -22.16 -4.72 53.44
N THR B 308 -23.34 -5.32 53.29
CA THR B 308 -24.49 -4.71 52.57
C THR B 308 -24.91 -3.39 53.23
N MET C 1 -18.19 25.28 24.63
CA MET C 1 -19.35 26.19 24.79
C MET C 1 -19.74 26.40 26.26
N LYS C 2 -19.82 27.66 26.68
CA LYS C 2 -20.18 28.02 28.06
C LYS C 2 -21.69 27.98 28.24
N HIS C 3 -22.13 27.89 29.49
CA HIS C 3 -23.57 27.85 29.82
C HIS C 3 -23.73 28.51 31.18
N GLY C 4 -24.84 29.19 31.40
CA GLY C 4 -25.02 29.81 32.70
C GLY C 4 -25.79 31.12 32.73
N ILE C 5 -25.66 31.83 33.85
CA ILE C 5 -26.33 33.10 34.06
C ILE C 5 -25.30 34.20 34.15
N LEU C 6 -25.63 35.34 33.53
CA LEU C 6 -24.76 36.52 33.51
C LEU C 6 -25.50 37.69 34.15
N VAL C 7 -24.87 38.30 35.16
CA VAL C 7 -25.44 39.43 35.87
C VAL C 7 -25.02 40.72 35.19
N ALA C 8 -25.87 41.20 34.30
CA ALA C 8 -25.59 42.41 33.54
C ALA C 8 -26.20 43.65 34.16
N TYR C 9 -25.63 44.80 33.82
CA TYR C 9 -26.11 46.09 34.28
C TYR C 9 -26.62 46.86 33.08
N LYS C 10 -27.89 47.26 33.11
CA LYS C 10 -28.47 48.01 31.99
C LYS C 10 -28.38 49.50 32.28
N PRO C 11 -27.65 50.23 31.43
CA PRO C 11 -27.52 51.68 31.63
C PRO C 11 -28.86 52.35 31.30
N LYS C 12 -29.05 53.56 31.80
CA LYS C 12 -30.28 54.28 31.51
C LYS C 12 -30.23 54.64 30.04
N GLY C 13 -31.30 54.34 29.32
CA GLY C 13 -31.34 54.66 27.91
C GLY C 13 -31.78 53.50 27.04
N PRO C 14 -30.90 52.51 26.84
CA PRO C 14 -31.17 51.34 26.01
C PRO C 14 -32.21 50.40 26.64
N THR C 15 -32.82 49.57 25.80
CA THR C 15 -33.84 48.62 26.24
C THR C 15 -33.21 47.30 26.66
N SER C 16 -34.00 46.42 27.26
CA SER C 16 -33.47 45.12 27.70
C SER C 16 -33.01 44.30 26.51
N HIS C 17 -33.75 44.36 25.41
CA HIS C 17 -33.39 43.63 24.21
C HIS C 17 -32.05 44.10 23.66
N ASP C 18 -31.76 45.39 23.86
CA ASP C 18 -30.49 45.94 23.39
C ASP C 18 -29.37 45.24 24.12
N VAL C 19 -29.59 44.93 25.40
CA VAL C 19 -28.59 44.27 26.21
C VAL C 19 -28.37 42.84 25.70
N VAL C 20 -29.47 42.16 25.42
CA VAL C 20 -29.38 40.81 24.91
C VAL C 20 -28.66 40.83 23.59
N ASP C 21 -28.93 41.85 22.77
CA ASP C 21 -28.28 41.92 21.47
C ASP C 21 -26.78 42.16 21.57
N GLU C 22 -26.38 42.98 22.54
CA GLU C 22 -24.98 43.29 22.75
C GLU C 22 -24.22 42.01 23.15
N VAL C 23 -24.76 41.30 24.14
CA VAL C 23 -24.15 40.07 24.65
C VAL C 23 -24.05 39.04 23.54
N ARG C 24 -25.14 38.91 22.81
CA ARG C 24 -25.23 37.99 21.71
C ARG C 24 -24.17 38.32 20.64
N LYS C 25 -23.94 39.62 20.44
CA LYS C 25 -22.98 40.09 19.46
C LYS C 25 -21.55 39.76 19.80
N LYS C 26 -21.18 39.99 21.06
CA LYS C 26 -19.81 39.74 21.47
C LYS C 26 -19.48 38.26 21.74
N LEU C 27 -20.42 37.49 22.26
CA LEU C 27 -20.18 36.09 22.56
C LEU C 27 -20.21 35.19 21.34
N LYS C 28 -20.91 35.60 20.30
CA LYS C 28 -21.02 34.79 19.08
C LYS C 28 -21.52 33.38 19.36
N THR C 29 -22.33 33.21 20.40
CA THR C 29 -22.83 31.88 20.76
C THR C 29 -24.06 31.45 19.97
N ARG C 30 -24.81 30.49 20.52
CA ARG C 30 -26.00 30.02 19.81
C ARG C 30 -27.30 30.41 20.49
N LYS C 31 -27.23 30.83 21.75
CA LYS C 31 -28.46 31.18 22.44
C LYS C 31 -28.24 32.15 23.59
N VAL C 32 -29.02 33.22 23.58
CA VAL C 32 -28.94 34.23 24.62
C VAL C 32 -30.36 34.67 24.94
N GLY C 33 -30.64 34.86 26.22
CA GLY C 33 -31.96 35.26 26.64
C GLY C 33 -31.91 36.15 27.88
N HIS C 34 -33.08 36.61 28.31
CA HIS C 34 -33.17 37.48 29.47
C HIS C 34 -34.35 37.10 30.34
N GLY C 35 -34.40 37.64 31.55
CA GLY C 35 -35.50 37.33 32.43
C GLY C 35 -35.87 38.50 33.32
N GLY C 36 -37.06 39.05 33.11
CA GLY C 36 -37.49 40.17 33.93
C GLY C 36 -36.95 41.46 33.35
N THR C 37 -37.73 42.02 32.42
CA THR C 37 -37.34 43.25 31.73
C THR C 37 -37.13 44.46 32.64
N LEU C 38 -36.44 45.44 32.09
CA LEU C 38 -36.19 46.70 32.76
C LEU C 38 -36.53 47.81 31.77
N ASP C 39 -37.36 48.76 32.18
CA ASP C 39 -37.72 49.85 31.29
C ASP C 39 -36.51 50.65 30.86
N PRO C 40 -36.58 51.23 29.65
CA PRO C 40 -35.49 52.03 29.09
C PRO C 40 -34.97 53.14 30.02
N PHE C 41 -35.88 53.82 30.69
CA PHE C 41 -35.50 54.94 31.56
C PHE C 41 -34.87 54.50 32.89
N ALA C 42 -35.01 53.22 33.24
CA ALA C 42 -34.45 52.70 34.47
C ALA C 42 -33.10 52.01 34.21
N CYS C 43 -32.35 51.77 35.27
CA CYS C 43 -31.05 51.10 35.14
C CYS C 43 -30.90 50.08 36.27
N GLY C 44 -30.00 49.12 36.11
CA GLY C 44 -29.82 48.14 37.17
C GLY C 44 -29.55 46.71 36.74
N VAL C 45 -29.89 45.78 37.62
CA VAL C 45 -29.66 44.36 37.36
C VAL C 45 -30.60 43.72 36.37
N LEU C 46 -30.02 43.01 35.40
CA LEU C 46 -30.75 42.31 34.35
C LEU C 46 -30.14 40.93 34.15
N ILE C 47 -30.87 39.89 34.55
CA ILE C 47 -30.37 38.53 34.39
C ILE C 47 -30.31 38.10 32.92
N ILE C 48 -29.15 37.58 32.50
CA ILE C 48 -28.97 37.12 31.12
C ILE C 48 -28.63 35.63 31.06
N GLY C 49 -29.44 34.88 30.31
CA GLY C 49 -29.20 33.45 30.18
C GLY C 49 -28.37 33.14 28.95
N VAL C 50 -27.42 32.23 29.07
CA VAL C 50 -26.57 31.85 27.94
C VAL C 50 -26.66 30.36 27.63
N ASN C 51 -27.08 30.05 26.40
CA ASN C 51 -27.25 28.68 25.90
C ASN C 51 -28.16 27.85 26.80
N GLN C 52 -27.64 26.75 27.34
CA GLN C 52 -28.46 25.90 28.21
C GLN C 52 -28.87 26.69 29.45
N GLY C 53 -28.11 27.74 29.78
CA GLY C 53 -28.44 28.55 30.94
C GLY C 53 -29.80 29.23 30.82
N THR C 54 -30.27 29.39 29.59
CA THR C 54 -31.56 30.01 29.36
C THR C 54 -32.69 29.12 29.84
N ARG C 55 -32.43 27.82 29.93
CA ARG C 55 -33.44 26.88 30.35
C ARG C 55 -33.86 27.08 31.79
N ILE C 56 -33.10 27.86 32.55
CA ILE C 56 -33.47 28.07 33.93
C ILE C 56 -33.81 29.50 34.29
N LEU C 57 -34.09 30.31 33.26
CA LEU C 57 -34.41 31.71 33.49
C LEU C 57 -35.70 31.89 34.28
N GLU C 58 -36.66 30.99 34.05
CA GLU C 58 -37.93 31.10 34.77
C GLU C 58 -37.73 31.19 36.27
N PHE C 59 -36.75 30.46 36.79
CA PHE C 59 -36.45 30.48 38.22
C PHE C 59 -36.02 31.86 38.69
N TYR C 60 -35.27 32.58 37.84
CA TYR C 60 -34.80 33.91 38.20
C TYR C 60 -35.91 34.94 38.11
N LYS C 61 -36.88 34.71 37.23
CA LYS C 61 -37.97 35.64 37.08
C LYS C 61 -38.89 35.55 38.29
N ASP C 62 -38.77 34.46 39.05
CA ASP C 62 -39.59 34.23 40.22
C ASP C 62 -39.00 34.85 41.46
N LEU C 63 -37.71 35.16 41.41
CA LEU C 63 -37.05 35.76 42.56
C LEU C 63 -37.64 37.15 42.81
N LYS C 64 -37.39 37.68 44.00
CA LYS C 64 -37.90 39.00 44.36
C LYS C 64 -36.97 40.06 43.78
N LYS C 65 -37.48 41.27 43.62
CA LYS C 65 -36.71 42.39 43.09
C LYS C 65 -36.65 43.54 44.09
N VAL C 66 -35.52 44.24 44.12
CA VAL C 66 -35.36 45.38 45.00
C VAL C 66 -34.98 46.62 44.19
N TYR C 67 -35.82 47.64 44.24
CA TYR C 67 -35.57 48.87 43.51
C TYR C 67 -35.38 50.08 44.42
N TRP C 68 -34.76 51.11 43.87
CA TRP C 68 -34.57 52.37 44.57
C TRP C 68 -35.21 53.38 43.63
N VAL C 69 -36.29 54.02 44.08
CA VAL C 69 -36.98 54.97 43.22
C VAL C 69 -36.99 56.40 43.74
N LYS C 70 -37.29 57.33 42.86
CA LYS C 70 -37.39 58.74 43.20
C LYS C 70 -38.57 59.28 42.42
N MET C 71 -39.58 59.75 43.14
CA MET C 71 -40.78 60.27 42.50
C MET C 71 -40.98 61.76 42.77
N ARG C 72 -41.54 62.47 41.79
CA ARG C 72 -41.82 63.90 41.89
C ARG C 72 -43.31 64.07 42.19
N LEU C 73 -43.61 64.65 43.35
CA LEU C 73 -45.00 64.87 43.74
C LEU C 73 -45.61 66.05 42.99
N GLY C 74 -46.88 65.91 42.62
CA GLY C 74 -47.56 66.97 41.91
C GLY C 74 -47.25 67.01 40.43
N LEU C 75 -46.89 65.87 39.87
CA LEU C 75 -46.58 65.78 38.45
C LEU C 75 -47.16 64.47 37.92
N ILE C 76 -47.87 64.54 36.81
CA ILE C 76 -48.48 63.35 36.21
C ILE C 76 -48.22 63.30 34.73
N THR C 77 -47.50 62.28 34.27
CA THR C 77 -47.20 62.15 32.86
C THR C 77 -48.05 61.04 32.28
N GLU C 78 -47.92 60.81 30.98
CA GLU C 78 -48.69 59.79 30.30
C GLU C 78 -48.28 58.38 30.74
N THR C 79 -46.97 58.17 30.82
CA THR C 79 -46.41 56.87 31.19
C THR C 79 -46.04 56.75 32.66
N PHE C 80 -46.26 57.83 33.40
CA PHE C 80 -45.97 57.85 34.83
C PHE C 80 -44.49 57.97 35.16
N ASP C 81 -43.69 58.42 34.20
CA ASP C 81 -42.26 58.63 34.42
C ASP C 81 -41.81 59.84 33.60
N ILE C 82 -40.70 60.45 33.99
CA ILE C 82 -40.18 61.64 33.29
C ILE C 82 -40.13 61.58 31.77
N THR C 83 -39.88 60.40 31.21
CA THR C 83 -39.82 60.24 29.77
C THR C 83 -41.21 60.30 29.17
N GLY C 84 -42.23 60.46 30.03
CA GLY C 84 -43.60 60.53 29.57
C GLY C 84 -44.04 61.97 29.37
N GLU C 85 -44.97 62.17 28.44
CA GLU C 85 -45.46 63.52 28.15
C GLU C 85 -46.26 64.05 29.34
N VAL C 86 -45.90 65.23 29.82
CA VAL C 86 -46.60 65.85 30.95
C VAL C 86 -48.07 66.08 30.59
N VAL C 87 -48.98 65.41 31.29
CA VAL C 87 -50.39 65.56 31.00
C VAL C 87 -51.17 66.32 32.07
N GLU C 88 -50.54 66.55 33.22
CA GLU C 88 -51.20 67.26 34.30
C GLU C 88 -50.28 67.57 35.46
N GLU C 89 -50.42 68.76 36.03
CA GLU C 89 -49.59 69.14 37.16
C GLU C 89 -50.41 69.88 38.23
N ARG C 90 -50.76 69.14 39.28
CA ARG C 90 -51.53 69.66 40.39
C ARG C 90 -50.63 70.38 41.39
N GLU C 91 -51.17 70.64 42.57
CA GLU C 91 -50.42 71.32 43.62
C GLU C 91 -50.37 70.46 44.86
N CYS C 92 -49.17 70.24 45.38
CA CYS C 92 -49.00 69.42 46.56
C CYS C 92 -48.37 70.20 47.71
N ASN C 93 -48.98 70.09 48.88
CA ASN C 93 -48.50 70.75 50.08
C ASN C 93 -48.88 69.91 51.29
N VAL C 94 -48.33 68.69 51.33
CA VAL C 94 -48.57 67.77 52.42
C VAL C 94 -47.35 67.72 53.32
N THR C 95 -47.53 67.25 54.54
CA THR C 95 -46.42 67.17 55.50
C THR C 95 -45.65 65.86 55.35
N GLU C 96 -44.42 65.86 55.85
CA GLU C 96 -43.59 64.66 55.77
C GLU C 96 -44.26 63.50 56.47
N GLU C 97 -45.12 63.79 57.45
CA GLU C 97 -45.82 62.74 58.18
C GLU C 97 -46.98 62.21 57.33
N GLU C 98 -47.49 63.05 56.45
CA GLU C 98 -48.58 62.65 55.58
C GLU C 98 -48.04 61.78 54.47
N ILE C 99 -46.82 62.10 54.04
CA ILE C 99 -46.14 61.37 52.98
C ILE C 99 -45.74 59.98 53.47
N ARG C 100 -44.93 59.94 54.53
CA ARG C 100 -44.50 58.68 55.10
C ARG C 100 -45.69 57.77 55.36
N GLU C 101 -46.74 58.34 55.93
CA GLU C 101 -47.93 57.58 56.24
C GLU C 101 -48.45 56.93 54.96
N ALA C 102 -48.51 57.70 53.88
CA ALA C 102 -48.97 57.20 52.59
C ALA C 102 -48.06 56.11 52.03
N ILE C 103 -46.76 56.37 52.03
CA ILE C 103 -45.76 55.41 51.53
C ILE C 103 -45.89 54.04 52.22
N PHE C 104 -45.59 53.99 53.51
CA PHE C 104 -45.64 52.72 54.24
C PHE C 104 -47.04 52.13 54.29
N SER C 105 -48.01 52.81 53.66
CA SER C 105 -49.37 52.28 53.68
C SER C 105 -49.62 51.22 52.60
N PHE C 106 -48.63 51.04 51.73
CA PHE C 106 -48.76 50.06 50.66
C PHE C 106 -48.09 48.71 50.92
N VAL C 107 -47.41 48.59 52.05
CA VAL C 107 -46.76 47.34 52.38
C VAL C 107 -47.80 46.22 52.55
N GLY C 108 -47.76 45.23 51.67
CA GLY C 108 -48.70 44.12 51.74
C GLY C 108 -49.01 43.64 50.34
N GLU C 109 -50.24 43.84 49.88
CA GLU C 109 -50.62 43.46 48.54
C GLU C 109 -51.89 44.21 48.19
N TYR C 110 -51.97 44.69 46.95
CA TYR C 110 -53.15 45.47 46.59
C TYR C 110 -53.68 45.42 45.16
N ASP C 111 -53.24 44.43 44.38
CA ASP C 111 -53.68 44.33 42.98
C ASP C 111 -53.58 45.67 42.26
N GLN C 112 -52.41 45.98 41.70
CA GLN C 112 -52.22 47.25 40.99
C GLN C 112 -52.55 47.14 39.52
N VAL C 113 -52.34 48.24 38.80
CA VAL C 113 -52.61 48.31 37.37
C VAL C 113 -51.39 48.81 36.64
N PRO C 114 -51.36 48.65 35.30
CA PRO C 114 -50.21 49.11 34.52
C PRO C 114 -50.19 50.63 34.39
N PRO C 115 -48.99 51.23 34.45
CA PRO C 115 -48.82 52.68 34.33
C PRO C 115 -49.43 53.29 33.07
N ALA C 116 -50.74 53.55 33.12
CA ALA C 116 -51.47 54.12 32.00
C ALA C 116 -51.87 55.58 32.24
N TYR C 117 -53.02 55.95 31.67
CA TYR C 117 -53.60 57.30 31.79
C TYR C 117 -54.59 57.44 30.63
N SER C 118 -54.07 57.35 29.41
CA SER C 118 -54.89 57.44 28.22
C SER C 118 -55.70 56.16 28.13
N ALA C 119 -55.08 55.10 27.62
CA ALA C 119 -55.73 53.80 27.50
C ALA C 119 -56.82 53.74 26.42
N LYS C 120 -56.98 54.84 25.67
CA LYS C 120 -57.99 54.89 24.62
C LYS C 120 -59.41 54.76 25.19
N LYS C 121 -60.39 55.34 24.50
CA LYS C 121 -61.79 55.29 24.94
C LYS C 121 -61.96 55.93 26.33
N TYR C 122 -61.85 57.25 26.39
CA TYR C 122 -61.99 57.97 27.65
C TYR C 122 -60.78 57.78 28.57
N LYS C 123 -59.85 58.74 28.48
CA LYS C 123 -58.60 58.75 29.25
C LYS C 123 -58.77 59.32 30.66
N GLY C 124 -57.82 60.15 31.08
CA GLY C 124 -57.88 60.78 32.39
C GLY C 124 -57.94 59.85 33.59
N GLU C 125 -57.62 60.42 34.76
CA GLU C 125 -57.61 59.73 36.05
C GLU C 125 -59.00 59.28 36.47
N ARG C 126 -59.99 59.61 35.65
CA ARG C 126 -61.36 59.22 35.94
C ARG C 126 -61.40 57.71 35.76
N LEU C 127 -60.35 57.16 35.15
CA LEU C 127 -60.28 55.72 34.91
C LEU C 127 -60.39 54.89 36.18
N TYR C 128 -60.79 55.54 37.27
CA TYR C 128 -60.95 54.91 38.59
C TYR C 128 -59.88 53.86 38.80
N LYS C 129 -58.70 54.15 38.26
CA LYS C 129 -57.57 53.23 38.34
C LYS C 129 -58.08 51.80 38.12
N LEU C 130 -59.01 51.67 37.17
CA LEU C 130 -59.63 50.39 36.80
C LEU C 130 -59.52 49.27 37.82
N ALA C 131 -59.69 49.60 39.09
CA ALA C 131 -59.62 48.60 40.15
C ALA C 131 -60.92 47.82 40.03
N ARG C 132 -61.91 48.47 39.42
CA ARG C 132 -63.23 47.89 39.21
C ARG C 132 -63.33 47.37 37.77
N GLU C 133 -62.34 46.60 37.34
CA GLU C 133 -62.34 46.05 35.99
C GLU C 133 -62.45 47.22 35.02
N GLY C 134 -63.45 47.20 34.13
CA GLY C 134 -63.63 48.29 33.18
C GLY C 134 -62.96 48.08 31.82
N LYS C 135 -63.57 47.24 30.98
CA LYS C 135 -63.05 46.92 29.64
C LYS C 135 -61.54 46.77 29.72
N ILE C 136 -61.08 46.14 30.80
CA ILE C 136 -59.66 45.96 31.04
C ILE C 136 -58.80 45.40 29.92
N ILE C 137 -58.58 46.24 28.91
CA ILE C 137 -57.70 45.92 27.80
C ILE C 137 -56.51 46.71 28.33
N ASN C 138 -55.33 46.56 27.74
CA ASN C 138 -54.18 47.29 28.23
C ASN C 138 -54.03 46.89 29.71
N LEU C 139 -54.01 45.59 29.94
CA LEU C 139 -53.86 44.98 31.26
C LEU C 139 -54.93 45.34 32.33
N PRO C 140 -55.31 44.33 33.13
CA PRO C 140 -56.29 44.45 34.21
C PRO C 140 -55.51 44.52 35.51
N PRO C 141 -56.18 44.41 36.66
CA PRO C 141 -55.47 44.47 37.93
C PRO C 141 -54.90 43.10 38.34
N LYS C 142 -53.58 43.02 38.49
CA LYS C 142 -52.92 41.79 38.89
C LYS C 142 -52.52 41.93 40.36
N ARG C 143 -52.54 40.83 41.11
CA ARG C 143 -52.18 40.90 42.51
C ARG C 143 -50.68 40.78 42.74
N VAL C 144 -50.07 41.89 43.13
CA VAL C 144 -48.65 41.93 43.42
C VAL C 144 -48.57 42.06 44.93
N LYS C 145 -47.38 41.88 45.49
CA LYS C 145 -47.24 42.01 46.93
C LYS C 145 -45.99 42.75 47.34
N ILE C 146 -46.17 43.88 48.01
CA ILE C 146 -45.07 44.72 48.49
C ILE C 146 -44.54 44.21 49.84
N PHE C 147 -43.32 43.67 49.83
CA PHE C 147 -42.76 43.12 51.05
C PHE C 147 -42.33 44.16 52.09
N LYS C 148 -41.52 45.12 51.68
CA LYS C 148 -41.07 46.14 52.63
C LYS C 148 -40.47 47.37 51.96
N ILE C 149 -40.48 48.49 52.67
CA ILE C 149 -39.93 49.75 52.18
C ILE C 149 -39.02 50.33 53.27
N TRP C 150 -38.04 51.12 52.88
CA TRP C 150 -37.13 51.72 53.85
C TRP C 150 -36.27 52.78 53.19
N ASP C 151 -35.48 53.49 53.98
CA ASP C 151 -34.61 54.54 53.46
C ASP C 151 -35.42 55.69 52.82
N VAL C 152 -36.60 55.94 53.38
CA VAL C 152 -37.48 57.00 52.91
C VAL C 152 -36.87 58.39 53.08
N ASN C 153 -36.53 59.03 51.97
CA ASN C 153 -35.92 60.36 51.99
C ASN C 153 -36.85 61.39 51.37
N ILE C 154 -37.28 62.36 52.17
CA ILE C 154 -38.18 63.40 51.70
C ILE C 154 -37.48 64.74 51.62
N GLU C 155 -37.13 65.14 50.41
CA GLU C 155 -36.45 66.39 50.15
C GLU C 155 -37.30 67.25 49.22
N GLY C 156 -37.85 68.35 49.74
CA GLY C 156 -38.67 69.20 48.90
C GLY C 156 -39.90 68.41 48.50
N ARG C 157 -40.12 68.24 47.20
CA ARG C 157 -41.28 67.49 46.75
C ARG C 157 -40.84 66.16 46.12
N ASP C 158 -39.54 65.91 46.12
CA ASP C 158 -38.99 64.69 45.56
C ASP C 158 -38.76 63.63 46.63
N VAL C 159 -39.61 62.61 46.63
CA VAL C 159 -39.50 61.52 47.59
C VAL C 159 -38.67 60.41 46.94
N SER C 160 -37.99 59.62 47.77
CA SER C 160 -37.16 58.53 47.31
C SER C 160 -37.11 57.48 48.42
N PHE C 161 -37.16 56.21 48.03
CA PHE C 161 -37.15 55.13 49.00
C PHE C 161 -36.77 53.81 48.33
N ARG C 162 -36.57 52.78 49.15
CA ARG C 162 -36.20 51.44 48.67
C ARG C 162 -37.34 50.47 48.89
N VAL C 163 -37.53 49.57 47.93
CA VAL C 163 -38.60 48.59 48.04
C VAL C 163 -38.20 47.24 47.52
N GLU C 164 -38.86 46.21 48.05
CA GLU C 164 -38.63 44.84 47.64
C GLU C 164 -40.00 44.30 47.24
N VAL C 165 -40.23 44.15 45.94
CA VAL C 165 -41.52 43.69 45.49
C VAL C 165 -41.48 42.37 44.71
N SER C 166 -42.61 41.67 44.67
CA SER C 166 -42.72 40.42 43.97
C SER C 166 -42.54 40.67 42.48
N PRO C 167 -42.16 39.64 41.72
CA PRO C 167 -41.99 39.83 40.28
C PRO C 167 -43.30 40.16 39.60
N GLY C 168 -43.21 40.96 38.54
CA GLY C 168 -44.40 41.34 37.81
C GLY C 168 -45.03 42.59 38.36
N THR C 169 -44.30 43.28 39.24
CA THR C 169 -44.81 44.51 39.85
C THR C 169 -44.30 45.75 39.12
N TYR C 170 -45.22 46.62 38.68
CA TYR C 170 -44.79 47.83 38.00
C TYR C 170 -44.42 48.86 39.03
N ILE C 171 -43.14 49.03 39.32
CA ILE C 171 -42.72 50.02 40.31
C ILE C 171 -43.24 51.42 39.92
N ARG C 172 -43.52 51.63 38.63
CA ARG C 172 -44.03 52.93 38.20
C ARG C 172 -45.45 53.07 38.69
N SER C 173 -46.20 51.97 38.66
CA SER C 173 -47.58 51.99 39.12
C SER C 173 -47.63 52.34 40.61
N LEU C 174 -46.89 51.59 41.42
CA LEU C 174 -46.84 51.84 42.86
C LEU C 174 -46.63 53.33 43.03
N CYS C 175 -45.63 53.84 42.31
CA CYS C 175 -45.26 55.24 42.33
C CYS C 175 -46.43 56.14 41.97
N MET C 176 -47.48 55.55 41.40
CA MET C 176 -48.67 56.28 41.01
C MET C 176 -49.78 56.23 42.05
N ASP C 177 -50.08 55.04 42.56
CA ASP C 177 -51.13 54.92 43.57
C ASP C 177 -50.87 55.89 44.73
N ILE C 178 -49.64 55.88 45.22
CA ILE C 178 -49.23 56.75 46.30
C ILE C 178 -49.55 58.19 45.92
N GLY C 179 -49.08 58.61 44.76
CA GLY C 179 -49.32 59.97 44.30
C GLY C 179 -50.78 60.29 44.20
N TYR C 180 -51.61 59.25 44.06
CA TYR C 180 -53.06 59.44 43.97
C TYR C 180 -53.66 59.45 45.37
N LYS C 181 -53.07 58.68 46.28
CA LYS C 181 -53.57 58.63 47.65
C LYS C 181 -53.34 60.02 48.26
N LEU C 182 -52.15 60.57 48.05
CA LEU C 182 -51.83 61.91 48.54
C LEU C 182 -52.57 62.88 47.62
N GLY C 183 -53.35 62.30 46.71
CA GLY C 183 -54.15 63.06 45.76
C GLY C 183 -53.47 64.24 45.09
N CYS C 184 -52.29 64.06 44.52
CA CYS C 184 -51.68 65.20 43.87
C CYS C 184 -50.75 64.87 42.72
N GLY C 185 -50.51 63.59 42.46
CA GLY C 185 -49.65 63.27 41.34
C GLY C 185 -48.59 62.23 41.58
N ALA C 186 -47.35 62.69 41.65
CA ALA C 186 -46.20 61.82 41.86
C ALA C 186 -45.89 61.02 40.60
N THR C 187 -44.69 61.22 40.06
CA THR C 187 -44.23 60.52 38.87
C THR C 187 -42.79 60.06 39.08
N ALA C 188 -42.47 58.87 38.57
CA ALA C 188 -41.13 58.32 38.71
C ALA C 188 -40.10 59.10 37.91
N VAL C 189 -39.06 59.55 38.60
CA VAL C 189 -38.02 60.33 37.96
C VAL C 189 -36.71 59.54 37.92
N GLU C 190 -36.51 58.68 38.91
CA GLU C 190 -35.32 57.84 39.01
C GLU C 190 -35.65 56.47 39.57
N LEU C 191 -35.21 55.42 38.87
CA LEU C 191 -35.44 54.05 39.29
C LEU C 191 -34.21 53.19 39.03
N VAL C 192 -33.79 52.45 40.04
CA VAL C 192 -32.64 51.57 39.88
C VAL C 192 -32.84 50.20 40.51
N ARG C 193 -32.55 49.16 39.74
CA ARG C 193 -32.69 47.80 40.23
C ARG C 193 -31.35 47.42 40.86
N GLU C 194 -31.33 47.46 42.18
CA GLU C 194 -30.11 47.15 42.91
C GLU C 194 -29.83 45.66 43.06
N SER C 195 -30.86 44.84 42.89
CA SER C 195 -30.67 43.41 43.01
C SER C 195 -31.87 42.59 42.57
N VAL C 196 -31.59 41.33 42.23
CA VAL C 196 -32.62 40.36 41.85
C VAL C 196 -32.18 39.12 42.62
N GLY C 197 -32.92 38.77 43.68
CA GLY C 197 -32.51 37.62 44.46
C GLY C 197 -31.19 37.96 45.14
N PRO C 198 -30.19 37.06 45.10
CA PRO C 198 -28.89 37.32 45.74
C PRO C 198 -27.94 38.15 44.90
N HIS C 199 -28.28 38.35 43.63
CA HIS C 199 -27.43 39.12 42.74
C HIS C 199 -27.62 40.63 42.85
N THR C 200 -26.51 41.35 42.97
CA THR C 200 -26.52 42.80 43.13
C THR C 200 -25.76 43.51 42.02
N ILE C 201 -26.01 44.80 41.86
CA ILE C 201 -25.35 45.57 40.81
C ILE C 201 -23.83 45.62 41.00
N GLU C 202 -23.38 45.49 42.25
CA GLU C 202 -21.95 45.51 42.55
C GLU C 202 -21.19 44.47 41.74
N GLU C 203 -21.85 43.36 41.48
CA GLU C 203 -21.25 42.26 40.72
C GLU C 203 -21.62 42.25 39.24
N SER C 204 -22.50 43.17 38.84
CA SER C 204 -22.91 43.24 37.44
C SER C 204 -21.93 44.07 36.65
N LEU C 205 -21.86 43.82 35.34
CA LEU C 205 -20.96 44.59 34.50
C LEU C 205 -21.70 45.19 33.32
N ASN C 206 -21.19 46.32 32.86
CA ASN C 206 -21.80 47.02 31.74
C ASN C 206 -21.35 46.34 30.46
N VAL C 207 -22.16 45.40 29.99
CA VAL C 207 -21.82 44.68 28.77
C VAL C 207 -21.43 45.60 27.61
N PHE C 208 -22.13 46.72 27.46
CA PHE C 208 -21.86 47.66 26.37
C PHE C 208 -20.42 48.17 26.37
N GLU C 209 -19.81 48.16 27.56
CA GLU C 209 -18.44 48.59 27.72
C GLU C 209 -17.57 47.51 28.32
N ALA C 210 -17.54 46.35 27.66
CA ALA C 210 -16.74 45.21 28.12
C ALA C 210 -16.39 44.28 26.97
N ALA C 211 -15.12 43.98 26.85
CA ALA C 211 -14.62 43.11 25.80
C ALA C 211 -15.29 41.74 25.85
N PRO C 212 -15.44 41.09 24.69
CA PRO C 212 -16.06 39.77 24.63
C PRO C 212 -15.43 38.80 25.62
N GLU C 213 -14.12 38.91 25.79
CA GLU C 213 -13.44 38.02 26.72
C GLU C 213 -14.01 38.18 28.13
N GLU C 214 -13.93 39.40 28.66
CA GLU C 214 -14.42 39.70 30.00
C GLU C 214 -15.81 39.15 30.28
N ILE C 215 -16.74 39.44 29.38
CA ILE C 215 -18.11 38.99 29.52
C ILE C 215 -18.13 37.48 29.70
N GLU C 216 -17.42 36.79 28.82
CA GLU C 216 -17.34 35.33 28.83
C GLU C 216 -16.97 34.77 30.21
N ASN C 217 -15.71 34.94 30.61
CA ASN C 217 -15.28 34.39 31.89
C ASN C 217 -15.89 35.17 33.05
N ARG C 218 -17.09 35.68 32.82
CA ARG C 218 -17.77 36.43 33.85
C ARG C 218 -19.13 35.82 34.06
N ILE C 219 -19.40 34.76 33.29
CA ILE C 219 -20.67 34.04 33.37
C ILE C 219 -20.60 33.06 34.52
N ILE C 220 -21.76 32.73 35.07
CA ILE C 220 -21.81 31.78 36.17
C ILE C 220 -22.29 30.45 35.58
N PRO C 221 -21.43 29.42 35.63
CA PRO C 221 -21.80 28.10 35.08
C PRO C 221 -22.96 27.42 35.80
N LEU C 222 -23.69 26.58 35.07
CA LEU C 222 -24.82 25.87 35.63
C LEU C 222 -24.53 25.30 37.02
N GLU C 223 -23.28 24.93 37.26
CA GLU C 223 -22.88 24.34 38.53
C GLU C 223 -22.99 25.30 39.73
N LYS C 224 -22.99 26.60 39.45
CA LYS C 224 -23.08 27.59 40.52
C LYS C 224 -24.43 28.30 40.54
N CYS C 225 -25.23 28.09 39.50
CA CYS C 225 -26.54 28.71 39.43
C CYS C 225 -27.53 28.05 40.36
N LEU C 226 -28.55 28.78 40.76
CA LEU C 226 -29.56 28.21 41.64
C LEU C 226 -28.92 27.75 42.94
N GLU C 227 -27.99 28.55 43.47
CA GLU C 227 -27.27 28.21 44.71
C GLU C 227 -28.14 27.66 45.85
N TRP C 228 -29.38 28.18 45.98
CA TRP C 228 -30.33 27.71 46.98
C TRP C 228 -30.84 26.40 46.39
N LEU C 229 -31.97 25.86 46.84
CA LEU C 229 -32.44 24.58 46.28
C LEU C 229 -31.53 23.42 46.71
N PRO C 230 -32.13 22.37 47.27
CA PRO C 230 -31.36 21.22 47.72
C PRO C 230 -30.60 20.54 46.59
N ARG C 231 -29.44 19.98 46.92
CA ARG C 231 -28.60 19.30 45.92
C ARG C 231 -28.35 17.84 46.34
N VAL C 232 -28.62 16.92 45.43
CA VAL C 232 -28.39 15.51 45.69
C VAL C 232 -27.35 15.06 44.68
N VAL C 233 -26.45 14.15 45.07
CA VAL C 233 -25.46 13.66 44.13
C VAL C 233 -25.64 12.17 43.89
N VAL C 234 -25.61 11.77 42.62
CA VAL C 234 -25.77 10.36 42.26
C VAL C 234 -24.40 9.80 41.94
N HIS C 235 -24.24 8.48 42.06
CA HIS C 235 -22.98 7.83 41.76
C HIS C 235 -22.58 8.16 40.32
N GLN C 236 -21.29 8.45 40.12
CA GLN C 236 -20.73 8.78 38.79
C GLN C 236 -21.29 7.93 37.66
N GLU C 237 -21.19 6.63 37.88
CA GLU C 237 -21.64 5.60 36.97
C GLU C 237 -23.02 5.85 36.34
N SER C 238 -23.91 6.54 37.04
CA SER C 238 -25.23 6.81 36.51
C SER C 238 -25.32 8.07 35.66
N THR C 239 -24.19 8.68 35.37
CA THR C 239 -24.20 9.91 34.59
C THR C 239 -24.84 9.79 33.22
N LYS C 240 -24.40 8.81 32.43
CA LYS C 240 -24.94 8.64 31.09
C LYS C 240 -26.45 8.38 31.01
N MET C 241 -26.94 7.36 31.70
CA MET C 241 -28.35 7.06 31.65
C MET C 241 -29.20 8.24 32.11
N ILE C 242 -28.65 9.10 32.97
CA ILE C 242 -29.40 10.27 33.45
C ILE C 242 -29.44 11.35 32.37
N LEU C 243 -28.30 11.55 31.70
CA LEU C 243 -28.23 12.54 30.65
C LEU C 243 -29.23 12.19 29.54
N ASN C 244 -29.59 10.92 29.44
CA ASN C 244 -30.62 10.53 28.46
C ASN C 244 -31.89 10.57 29.30
N GLY C 245 -32.83 9.66 29.03
CA GLY C 245 -34.05 9.65 29.84
C GLY C 245 -33.69 9.15 31.23
N SER C 246 -34.39 8.14 31.70
CA SER C 246 -34.11 7.54 33.01
C SER C 246 -34.32 8.40 34.25
N GLN C 247 -35.32 8.02 35.04
CA GLN C 247 -35.60 8.74 36.29
C GLN C 247 -34.59 8.27 37.35
N ILE C 248 -34.53 8.98 38.46
CA ILE C 248 -33.60 8.64 39.52
C ILE C 248 -34.22 7.84 40.66
N HIS C 249 -33.67 6.67 40.95
CA HIS C 249 -34.18 5.83 42.03
C HIS C 249 -33.30 5.81 43.27
N LEU C 250 -33.81 5.23 44.35
CA LEU C 250 -33.09 5.18 45.63
C LEU C 250 -31.64 4.71 45.54
N GLU C 251 -31.43 3.52 44.95
CA GLU C 251 -30.08 2.97 44.86
C GLU C 251 -29.11 3.77 43.98
N MET C 252 -29.63 4.70 43.20
CA MET C 252 -28.81 5.53 42.33
C MET C 252 -28.21 6.74 43.06
N LEU C 253 -28.84 7.13 44.17
CA LEU C 253 -28.37 8.28 44.95
C LEU C 253 -27.18 7.94 45.84
N LYS C 254 -26.40 8.96 46.18
CA LYS C 254 -25.23 8.78 47.02
C LYS C 254 -25.17 9.80 48.16
N GLU C 255 -25.75 10.98 47.93
CA GLU C 255 -25.77 12.01 48.96
C GLU C 255 -26.99 12.92 48.89
N TRP C 256 -27.66 13.09 50.03
CA TRP C 256 -28.86 13.92 50.16
C TRP C 256 -28.50 15.37 50.38
N ASP C 257 -29.47 16.11 50.92
CA ASP C 257 -29.31 17.50 51.26
C ASP C 257 -30.60 17.96 51.91
N GLY C 258 -31.52 17.02 52.10
CA GLY C 258 -32.78 17.32 52.75
C GLY C 258 -33.78 18.02 51.85
N PHE C 259 -34.92 17.39 51.64
CA PHE C 259 -35.93 17.97 50.78
C PHE C 259 -37.33 17.42 51.03
N LYS C 260 -38.33 18.23 50.72
CA LYS C 260 -39.75 17.89 50.87
C LYS C 260 -40.26 17.26 49.60
N LYS C 261 -41.55 16.95 49.56
CA LYS C 261 -42.16 16.34 48.38
C LYS C 261 -42.02 17.10 47.06
N GLY C 262 -43.04 17.86 46.67
CA GLY C 262 -42.98 18.58 45.41
C GLY C 262 -41.74 19.45 45.13
N GLU C 263 -40.91 19.67 46.14
CA GLU C 263 -39.71 20.50 46.02
C GLU C 263 -38.83 20.12 44.81
N VAL C 264 -38.06 21.08 44.33
CA VAL C 264 -37.17 20.85 43.18
C VAL C 264 -35.72 20.81 43.61
N VAL C 265 -34.99 19.78 43.17
CA VAL C 265 -33.58 19.65 43.55
C VAL C 265 -32.60 19.53 42.39
N ARG C 266 -31.38 19.95 42.66
CA ARG C 266 -30.28 19.91 41.70
C ARG C 266 -29.64 18.53 41.74
N VAL C 267 -29.40 17.94 40.57
CA VAL C 267 -28.80 16.62 40.48
C VAL C 267 -27.36 16.65 40.01
N PHE C 268 -26.42 16.46 40.94
CA PHE C 268 -25.01 16.45 40.60
C PHE C 268 -24.44 15.03 40.53
N ASN C 269 -23.27 14.89 39.91
CA ASN C 269 -22.62 13.60 39.85
C ASN C 269 -21.40 13.73 40.75
N GLU C 270 -20.64 12.66 40.91
CA GLU C 270 -19.49 12.73 41.79
C GLU C 270 -18.41 13.67 41.30
N GLU C 271 -18.33 13.88 39.99
CA GLU C 271 -17.33 14.77 39.45
C GLU C 271 -17.69 16.25 39.63
N GLY C 272 -18.89 16.52 40.14
CA GLY C 272 -19.30 17.91 40.37
C GLY C 272 -20.11 18.57 39.26
N ARG C 273 -20.47 17.79 38.25
CA ARG C 273 -21.24 18.32 37.14
C ARG C 273 -22.74 18.30 37.42
N LEU C 274 -23.42 19.36 36.97
CA LEU C 274 -24.85 19.45 37.15
C LEU C 274 -25.49 18.68 36.01
N LEU C 275 -26.15 17.57 36.34
CA LEU C 275 -26.77 16.72 35.33
C LEU C 275 -28.19 17.11 35.03
N ALA C 276 -28.96 17.50 36.05
CA ALA C 276 -30.34 17.89 35.81
C ALA C 276 -31.06 18.54 37.00
N LEU C 277 -32.33 18.84 36.79
CA LEU C 277 -33.19 19.41 37.84
C LEU C 277 -34.38 18.48 37.90
N ALA C 278 -34.70 18.00 39.10
CA ALA C 278 -35.82 17.09 39.26
C ALA C 278 -36.67 17.44 40.48
N GLU C 279 -37.89 16.88 40.48
CA GLU C 279 -38.84 17.09 41.56
C GLU C 279 -38.85 15.84 42.44
N ALA C 280 -38.85 16.03 43.76
CA ALA C 280 -38.86 14.91 44.69
C ALA C 280 -40.23 14.24 44.71
N GLU C 281 -40.23 12.92 44.55
CA GLU C 281 -41.46 12.16 44.54
C GLU C 281 -41.81 11.73 45.98
N ARG C 282 -40.91 12.00 46.91
CA ARG C 282 -41.14 11.64 48.30
C ARG C 282 -40.39 12.60 49.22
N ASN C 283 -40.48 12.37 50.52
CA ASN C 283 -39.81 13.22 51.50
C ASN C 283 -38.41 12.74 51.79
N SER C 284 -37.47 13.66 51.92
CA SER C 284 -36.09 13.31 52.20
C SER C 284 -35.96 12.39 53.41
N SER C 285 -36.91 12.53 54.34
CA SER C 285 -36.94 11.74 55.57
C SER C 285 -37.29 10.27 55.35
N PHE C 286 -38.37 10.02 54.62
CA PHE C 286 -38.81 8.66 54.32
C PHE C 286 -37.79 7.97 53.42
N LEU C 287 -36.69 8.66 53.16
CA LEU C 287 -35.64 8.13 52.29
C LEU C 287 -34.80 7.11 53.06
N GLU C 288 -35.08 6.93 54.34
CA GLU C 288 -34.32 5.99 55.13
C GLU C 288 -35.12 4.75 55.50
N THR C 289 -36.44 4.82 55.33
CA THR C 289 -37.29 3.69 55.64
C THR C 289 -37.21 2.68 54.50
N LEU C 290 -37.61 3.10 53.29
CA LEU C 290 -37.55 2.21 52.13
C LEU C 290 -36.08 1.92 51.84
N ARG C 291 -35.20 2.70 52.46
CA ARG C 291 -33.75 2.54 52.33
C ARG C 291 -33.31 1.37 53.19
N LYS C 292 -33.84 1.32 54.42
CA LYS C 292 -33.54 0.24 55.37
C LYS C 292 -34.51 -0.90 55.05
N HIS C 293 -35.10 -0.82 53.87
CA HIS C 293 -36.02 -1.84 53.39
C HIS C 293 -35.61 -2.13 51.94
N GLU C 294 -35.91 -3.33 51.47
CA GLU C 294 -35.56 -3.73 50.12
C GLU C 294 -36.54 -3.14 49.12
N ARG C 295 -36.65 -1.82 49.12
CA ARG C 295 -37.55 -1.13 48.20
C ARG C 295 -36.78 -0.21 47.25
N GLN C 296 -36.94 -0.44 45.95
CA GLN C 296 -36.25 0.36 44.94
C GLN C 296 -37.20 1.24 44.16
N ARG C 297 -37.55 2.39 44.72
CA ARG C 297 -38.47 3.32 44.08
C ARG C 297 -37.80 4.54 43.49
N ARG C 298 -38.62 5.42 42.91
CA ARG C 298 -38.11 6.64 42.30
C ARG C 298 -38.12 7.77 43.33
N VAL C 299 -36.95 8.31 43.61
CA VAL C 299 -36.83 9.38 44.59
C VAL C 299 -36.98 10.76 43.93
N LEU C 300 -36.59 10.87 42.68
CA LEU C 300 -36.68 12.14 41.97
C LEU C 300 -37.16 11.92 40.55
N THR C 301 -37.82 12.94 39.98
CA THR C 301 -38.31 12.86 38.61
C THR C 301 -37.76 14.03 37.80
N LEU C 302 -37.09 13.72 36.70
CA LEU C 302 -36.47 14.72 35.83
C LEU C 302 -37.40 15.82 35.38
N ARG C 303 -36.95 17.06 35.56
CA ARG C 303 -37.72 18.23 35.17
C ARG C 303 -36.96 19.04 34.10
N LYS C 304 -35.65 18.79 34.01
CA LYS C 304 -34.78 19.47 33.05
C LYS C 304 -33.38 18.81 32.98
N VAL C 305 -33.04 18.27 31.82
CA VAL C 305 -31.74 17.62 31.67
C VAL C 305 -30.78 18.53 30.90
N PHE C 306 -29.52 18.58 31.33
CA PHE C 306 -28.54 19.43 30.65
C PHE C 306 -27.55 18.67 29.79
N GLN C 307 -28.05 18.05 28.73
CA GLN C 307 -27.22 17.27 27.81
C GLN C 307 -26.44 18.15 26.82
N THR C 308 -25.22 18.50 27.20
CA THR C 308 -24.33 19.33 26.37
C THR C 308 -23.98 18.67 25.04
N MET D 1 19.48 -5.59 -54.70
CA MET D 1 20.70 -4.90 -55.19
C MET D 1 21.83 -5.90 -55.14
N LYS D 2 22.70 -5.87 -56.14
CA LYS D 2 23.80 -6.81 -56.15
C LYS D 2 25.13 -6.13 -55.85
N HIS D 3 26.03 -6.86 -55.19
CA HIS D 3 27.34 -6.34 -54.83
C HIS D 3 28.42 -7.33 -55.25
N GLY D 4 29.48 -6.86 -55.90
CA GLY D 4 30.54 -7.78 -56.32
C GLY D 4 31.53 -7.30 -57.37
N ILE D 5 32.23 -8.25 -57.96
CA ILE D 5 33.23 -7.96 -59.00
C ILE D 5 32.78 -8.55 -60.34
N LEU D 6 32.99 -7.79 -61.41
CA LEU D 6 32.63 -8.22 -62.75
C LEU D 6 33.90 -8.31 -63.60
N VAL D 7 34.09 -9.46 -64.23
CA VAL D 7 35.26 -9.65 -65.09
C VAL D 7 34.90 -9.23 -66.50
N ALA D 8 35.26 -8.00 -66.84
CA ALA D 8 34.95 -7.48 -68.17
C ALA D 8 36.11 -7.56 -69.17
N TYR D 9 35.76 -7.62 -70.46
CA TYR D 9 36.75 -7.65 -71.52
C TYR D 9 36.71 -6.32 -72.26
N LYS D 10 37.84 -5.62 -72.32
CA LYS D 10 37.88 -4.33 -73.03
C LYS D 10 38.37 -4.51 -74.46
N PRO D 11 37.51 -4.23 -75.43
CA PRO D 11 37.94 -4.39 -76.82
C PRO D 11 38.98 -3.33 -77.14
N LYS D 12 39.77 -3.59 -78.19
CA LYS D 12 40.77 -2.61 -78.61
C LYS D 12 40.01 -1.41 -79.17
N GLY D 13 40.38 -0.22 -78.72
CA GLY D 13 39.73 0.99 -79.19
C GLY D 13 39.26 1.87 -78.06
N PRO D 14 38.18 1.48 -77.35
CA PRO D 14 37.61 2.24 -76.24
C PRO D 14 38.50 2.29 -75.00
N THR D 15 38.26 3.29 -74.15
CA THR D 15 39.05 3.46 -72.93
C THR D 15 38.44 2.68 -71.78
N SER D 16 39.13 2.62 -70.65
CA SER D 16 38.61 1.88 -69.51
C SER D 16 37.36 2.56 -68.98
N HIS D 17 37.36 3.89 -68.99
CA HIS D 17 36.21 4.65 -68.53
C HIS D 17 34.99 4.38 -69.38
N ASP D 18 35.20 4.12 -70.65
CA ASP D 18 34.10 3.81 -71.54
C ASP D 18 33.41 2.55 -71.04
N VAL D 19 34.21 1.57 -70.60
CA VAL D 19 33.69 0.31 -70.10
C VAL D 19 32.88 0.53 -68.85
N VAL D 20 33.40 1.37 -67.97
CA VAL D 20 32.68 1.67 -66.74
C VAL D 20 31.37 2.35 -67.11
N ASP D 21 31.41 3.23 -68.08
CA ASP D 21 30.20 3.93 -68.49
C ASP D 21 29.15 3.01 -69.09
N GLU D 22 29.59 2.02 -69.85
CA GLU D 22 28.67 1.08 -70.47
C GLU D 22 27.99 0.24 -69.41
N VAL D 23 28.76 -0.26 -68.45
CA VAL D 23 28.22 -1.09 -67.38
C VAL D 23 27.24 -0.29 -66.53
N ARG D 24 27.66 0.92 -66.22
CA ARG D 24 26.86 1.84 -65.45
C ARG D 24 25.52 2.14 -66.16
N LYS D 25 25.58 2.23 -67.49
CA LYS D 25 24.41 2.52 -68.29
C LYS D 25 23.39 1.40 -68.32
N LYS D 26 23.86 0.16 -68.46
CA LYS D 26 22.95 -0.97 -68.52
C LYS D 26 22.44 -1.48 -67.17
N LEU D 27 23.26 -1.40 -66.13
CA LEU D 27 22.84 -1.86 -64.79
C LEU D 27 21.92 -0.87 -64.06
N LYS D 28 22.03 0.42 -64.38
CA LYS D 28 21.21 1.43 -63.73
C LYS D 28 21.33 1.38 -62.21
N THR D 29 22.52 1.05 -61.69
CA THR D 29 22.72 0.94 -60.25
C THR D 29 23.17 2.26 -59.65
N ARG D 30 23.75 2.19 -58.46
CA ARG D 30 24.22 3.39 -57.80
C ARG D 30 25.71 3.60 -57.79
N LYS D 31 26.49 2.54 -58.00
CA LYS D 31 27.93 2.69 -57.98
C LYS D 31 28.63 1.67 -58.85
N VAL D 32 29.55 2.16 -59.68
CA VAL D 32 30.32 1.31 -60.56
C VAL D 32 31.72 1.86 -60.58
N GLY D 33 32.71 0.98 -60.57
CA GLY D 33 34.10 1.42 -60.60
C GLY D 33 35.01 0.42 -61.27
N HIS D 34 36.29 0.77 -61.41
CA HIS D 34 37.27 -0.11 -62.05
C HIS D 34 38.57 -0.17 -61.26
N GLY D 35 39.45 -1.10 -61.64
CA GLY D 35 40.71 -1.21 -60.95
C GLY D 35 41.83 -1.68 -61.86
N GLY D 36 42.82 -0.82 -62.08
CA GLY D 36 43.92 -1.19 -62.96
C GLY D 36 43.50 -0.96 -64.40
N THR D 37 43.79 0.25 -64.89
CA THR D 37 43.44 0.66 -66.23
C THR D 37 44.10 -0.13 -67.37
N LEU D 38 43.48 -0.05 -68.54
CA LEU D 38 43.99 -0.69 -69.74
C LEU D 38 43.99 0.36 -70.83
N ASP D 39 45.14 0.56 -71.48
CA ASP D 39 45.24 1.54 -72.55
C ASP D 39 44.26 1.24 -73.66
N PRO D 40 43.80 2.29 -74.34
CA PRO D 40 42.85 2.16 -75.45
C PRO D 40 43.27 1.18 -76.55
N PHE D 41 44.55 1.17 -76.89
CA PHE D 41 45.05 0.30 -77.96
C PHE D 41 45.19 -1.17 -77.56
N ALA D 42 45.15 -1.43 -76.26
CA ALA D 42 45.26 -2.79 -75.74
C ALA D 42 43.87 -3.36 -75.48
N CYS D 43 43.79 -4.67 -75.28
CA CYS D 43 42.51 -5.33 -74.99
C CYS D 43 42.72 -6.40 -73.92
N GLY D 44 41.65 -6.79 -73.23
CA GLY D 44 41.82 -7.81 -72.22
C GLY D 44 40.98 -7.67 -70.97
N VAL D 45 41.46 -8.27 -69.88
CA VAL D 45 40.75 -8.25 -68.60
C VAL D 45 40.78 -6.92 -67.88
N LEU D 46 39.60 -6.49 -67.46
CA LEU D 46 39.43 -5.26 -66.73
C LEU D 46 38.43 -5.51 -65.58
N ILE D 47 38.93 -5.43 -64.34
CA ILE D 47 38.09 -5.67 -63.17
C ILE D 47 37.10 -4.52 -62.91
N ILE D 48 35.82 -4.88 -62.76
CA ILE D 48 34.78 -3.89 -62.52
C ILE D 48 34.08 -4.10 -61.17
N GLY D 49 34.10 -3.07 -60.34
CA GLY D 49 33.43 -3.16 -59.06
C GLY D 49 32.01 -2.63 -59.15
N VAL D 50 31.08 -3.28 -58.48
CA VAL D 50 29.69 -2.86 -58.49
C VAL D 50 29.16 -2.61 -57.07
N ASN D 51 28.76 -1.37 -56.80
CA ASN D 51 28.23 -0.96 -55.50
C ASN D 51 29.22 -1.26 -54.38
N GLN D 52 28.79 -2.02 -53.36
CA GLN D 52 29.68 -2.32 -52.24
C GLN D 52 30.91 -3.06 -52.74
N GLY D 53 30.80 -3.71 -53.89
CA GLY D 53 31.95 -4.44 -54.42
C GLY D 53 33.10 -3.51 -54.79
N THR D 54 32.82 -2.22 -54.91
CA THR D 54 33.87 -1.28 -55.27
C THR D 54 34.79 -1.08 -54.08
N ARG D 55 34.29 -1.36 -52.89
CA ARG D 55 35.06 -1.18 -51.67
C ARG D 55 36.25 -2.16 -51.57
N ILE D 56 36.30 -3.15 -52.46
CA ILE D 56 37.41 -4.08 -52.38
C ILE D 56 38.23 -4.11 -53.64
N LEU D 57 38.13 -3.05 -54.45
CA LEU D 57 38.88 -2.97 -55.68
C LEU D 57 40.38 -2.86 -55.43
N GLU D 58 40.76 -2.24 -54.33
CA GLU D 58 42.18 -2.09 -54.04
C GLU D 58 42.89 -3.44 -54.01
N PHE D 59 42.19 -4.46 -53.51
CA PHE D 59 42.76 -5.80 -53.44
C PHE D 59 43.08 -6.36 -54.83
N TYR D 60 42.23 -6.07 -55.80
CA TYR D 60 42.43 -6.55 -57.15
C TYR D 60 43.53 -5.79 -57.87
N LYS D 61 43.72 -4.53 -57.52
CA LYS D 61 44.76 -3.75 -58.17
C LYS D 61 46.12 -4.20 -57.68
N ASP D 62 46.15 -4.98 -56.62
CA ASP D 62 47.39 -5.47 -56.05
C ASP D 62 47.80 -6.80 -56.65
N LEU D 63 46.84 -7.51 -57.23
CA LEU D 63 47.13 -8.79 -57.83
C LEU D 63 48.11 -8.60 -58.97
N LYS D 64 48.71 -9.69 -59.44
CA LYS D 64 49.66 -9.62 -60.54
C LYS D 64 48.91 -9.62 -61.87
N LYS D 65 49.57 -9.11 -62.90
CA LYS D 65 48.98 -9.05 -64.23
C LYS D 65 49.81 -9.82 -65.26
N VAL D 66 49.12 -10.49 -66.18
CA VAL D 66 49.77 -11.25 -67.25
C VAL D 66 49.35 -10.72 -68.62
N TYR D 67 50.33 -10.24 -69.39
CA TYR D 67 50.09 -9.70 -70.72
C TYR D 67 50.79 -10.52 -71.79
N TRP D 68 50.28 -10.41 -73.02
CA TRP D 68 50.86 -11.05 -74.20
C TRP D 68 51.13 -9.87 -75.12
N VAL D 69 52.40 -9.58 -75.38
CA VAL D 69 52.73 -8.44 -76.23
C VAL D 69 53.42 -8.80 -77.54
N LYS D 70 53.40 -7.86 -78.47
CA LYS D 70 54.03 -8.03 -79.77
C LYS D 70 54.70 -6.69 -80.08
N MET D 71 56.01 -6.69 -80.20
CA MET D 71 56.74 -5.46 -80.47
C MET D 71 57.48 -5.49 -81.79
N ARG D 72 57.56 -4.32 -82.44
CA ARG D 72 58.23 -4.16 -83.74
C ARG D 72 59.62 -3.58 -83.49
N LEU D 73 60.65 -4.33 -83.84
CA LEU D 73 62.04 -3.90 -83.68
C LEU D 73 62.45 -2.89 -84.74
N GLY D 74 63.19 -1.86 -84.34
CA GLY D 74 63.63 -0.84 -85.27
C GLY D 74 62.59 0.24 -85.55
N LEU D 75 61.65 0.41 -84.62
CA LEU D 75 60.60 1.40 -84.75
C LEU D 75 60.40 2.13 -83.42
N ILE D 76 60.36 3.45 -83.46
CA ILE D 76 60.17 4.25 -82.24
C ILE D 76 59.11 5.32 -82.44
N THR D 77 58.02 5.24 -81.69
CA THR D 77 56.97 6.23 -81.79
C THR D 77 57.00 7.12 -80.57
N GLU D 78 56.12 8.12 -80.56
CA GLU D 78 56.05 9.07 -79.45
C GLU D 78 55.59 8.39 -78.16
N THR D 79 54.53 7.59 -78.27
CA THR D 79 53.93 6.89 -77.14
C THR D 79 54.45 5.46 -76.94
N PHE D 80 55.34 5.02 -77.82
CA PHE D 80 55.92 3.68 -77.75
C PHE D 80 54.98 2.58 -78.22
N ASP D 81 53.95 2.96 -78.96
CA ASP D 81 53.00 1.99 -79.50
C ASP D 81 52.55 2.46 -80.88
N ILE D 82 52.05 1.53 -81.69
CA ILE D 82 51.60 1.87 -83.04
C ILE D 82 50.70 3.09 -83.15
N THR D 83 49.85 3.32 -82.15
CA THR D 83 48.94 4.48 -82.17
C THR D 83 49.74 5.76 -81.93
N GLY D 84 51.04 5.63 -81.73
CA GLY D 84 51.90 6.78 -81.49
C GLY D 84 52.54 7.25 -82.78
N GLU D 85 52.77 8.57 -82.87
CA GLU D 85 53.38 9.16 -84.07
C GLU D 85 54.81 8.68 -84.25
N VAL D 86 55.11 8.11 -85.41
CA VAL D 86 56.45 7.62 -85.71
C VAL D 86 57.45 8.76 -85.61
N VAL D 87 58.38 8.65 -84.66
CA VAL D 87 59.38 9.70 -84.45
C VAL D 87 60.78 9.29 -84.86
N GLU D 88 60.98 8.00 -85.12
CA GLU D 88 62.30 7.52 -85.52
C GLU D 88 62.28 6.04 -85.90
N GLU D 89 63.07 5.70 -86.91
CA GLU D 89 63.13 4.31 -87.37
C GLU D 89 64.56 3.93 -87.75
N ARG D 90 65.24 3.26 -86.83
CA ARG D 90 66.61 2.81 -87.03
C ARG D 90 66.65 1.52 -87.85
N GLU D 91 67.79 0.85 -87.79
CA GLU D 91 67.96 -0.40 -88.50
C GLU D 91 68.37 -1.51 -87.53
N CYS D 92 67.66 -2.63 -87.56
CA CYS D 92 67.98 -3.74 -86.68
C CYS D 92 68.34 -5.00 -87.45
N ASN D 93 69.45 -5.61 -87.06
CA ASN D 93 69.91 -6.84 -87.68
C ASN D 93 70.63 -7.69 -86.64
N VAL D 94 69.90 -8.06 -85.59
CA VAL D 94 70.43 -8.88 -84.52
C VAL D 94 69.94 -10.32 -84.68
N THR D 95 70.64 -11.26 -84.03
CA THR D 95 70.29 -12.67 -84.11
C THR D 95 69.26 -13.07 -83.07
N GLU D 96 68.55 -14.16 -83.33
CA GLU D 96 67.54 -14.63 -82.40
C GLU D 96 68.13 -14.88 -81.03
N GLU D 97 69.41 -15.19 -80.98
CA GLU D 97 70.07 -15.43 -79.70
C GLU D 97 70.33 -14.10 -79.00
N GLU D 98 70.51 -13.05 -79.79
CA GLU D 98 70.76 -11.73 -79.24
C GLU D 98 69.46 -11.15 -78.67
N ILE D 99 68.37 -11.47 -79.34
CA ILE D 99 67.05 -11.01 -78.93
C ILE D 99 66.65 -11.71 -77.63
N ARG D 100 66.56 -13.04 -77.68
CA ARG D 100 66.20 -13.82 -76.51
C ARG D 100 67.04 -13.43 -75.30
N GLU D 101 68.34 -13.25 -75.54
CA GLU D 101 69.25 -12.87 -74.46
C GLU D 101 68.77 -11.55 -73.85
N ALA D 102 68.39 -10.60 -74.72
CA ALA D 102 67.92 -9.30 -74.27
C ALA D 102 66.59 -9.40 -73.51
N ILE D 103 65.66 -10.16 -74.07
CA ILE D 103 64.34 -10.34 -73.46
C ILE D 103 64.44 -10.89 -72.04
N PHE D 104 64.89 -12.13 -71.90
CA PHE D 104 64.99 -12.75 -70.59
C PHE D 104 65.95 -12.03 -69.64
N SER D 105 66.55 -10.93 -70.11
CA SER D 105 67.49 -10.21 -69.25
C SER D 105 66.78 -9.22 -68.32
N PHE D 106 65.48 -9.08 -68.51
CA PHE D 106 64.73 -8.16 -67.67
C PHE D 106 63.97 -8.83 -66.53
N VAL D 107 64.05 -10.15 -66.43
CA VAL D 107 63.36 -10.85 -65.36
C VAL D 107 63.95 -10.48 -63.99
N GLY D 108 63.17 -9.79 -63.17
CA GLY D 108 63.63 -9.39 -61.85
C GLY D 108 62.96 -8.06 -61.49
N GLU D 109 63.74 -7.00 -61.40
CA GLU D 109 63.19 -5.68 -61.10
C GLU D 109 64.18 -4.63 -61.55
N TYR D 110 63.70 -3.54 -62.15
CA TYR D 110 64.65 -2.55 -62.63
C TYR D 110 64.30 -1.07 -62.58
N ASP D 111 63.38 -0.69 -61.71
CA ASP D 111 63.05 0.73 -61.59
C ASP D 111 62.73 1.34 -62.96
N GLN D 112 61.67 0.84 -63.59
CA GLN D 112 61.26 1.34 -64.89
C GLN D 112 60.65 2.74 -64.77
N VAL D 113 60.71 3.51 -65.84
CA VAL D 113 60.17 4.87 -65.84
C VAL D 113 59.02 5.04 -66.84
N PRO D 114 58.00 5.83 -66.47
CA PRO D 114 56.83 6.10 -67.31
C PRO D 114 57.24 6.52 -68.72
N PRO D 115 56.54 6.00 -69.73
CA PRO D 115 56.80 6.28 -71.15
C PRO D 115 56.69 7.75 -71.56
N ALA D 116 57.49 8.15 -72.55
CA ALA D 116 57.50 9.51 -73.06
C ALA D 116 56.79 9.55 -74.41
N PRO D 141 61.24 6.64 -62.53
CA PRO D 141 62.16 5.78 -61.78
C PRO D 141 61.42 4.80 -60.88
N LYS D 142 60.13 4.63 -61.15
CA LYS D 142 59.26 3.74 -60.36
C LYS D 142 59.81 2.30 -60.30
N ARG D 143 59.85 1.75 -59.09
CA ARG D 143 60.33 0.39 -58.87
C ARG D 143 59.40 -0.65 -59.47
N VAL D 144 59.79 -1.18 -60.63
CA VAL D 144 59.00 -2.19 -61.30
C VAL D 144 59.42 -3.57 -60.77
N LYS D 145 58.77 -4.63 -61.24
CA LYS D 145 59.13 -5.98 -60.81
C LYS D 145 58.56 -7.06 -61.75
N ILE D 146 59.41 -7.60 -62.62
CA ILE D 146 59.01 -8.63 -63.59
C ILE D 146 59.17 -10.03 -62.99
N PHE D 147 58.05 -10.71 -62.76
CA PHE D 147 58.08 -12.04 -62.17
C PHE D 147 58.53 -13.14 -63.11
N LYS D 148 58.13 -13.09 -64.37
CA LYS D 148 58.52 -14.11 -65.32
C LYS D 148 58.25 -13.72 -66.78
N ILE D 149 58.80 -14.50 -67.71
CA ILE D 149 58.62 -14.30 -69.16
C ILE D 149 58.67 -15.67 -69.86
N TRP D 150 57.84 -15.86 -70.88
CA TRP D 150 57.85 -17.13 -71.58
C TRP D 150 57.19 -17.06 -72.96
N ASP D 151 56.88 -18.21 -73.55
CA ASP D 151 56.24 -18.23 -74.86
C ASP D 151 56.79 -17.17 -75.81
N VAL D 152 58.11 -17.12 -75.97
CA VAL D 152 58.71 -16.13 -76.86
C VAL D 152 58.63 -16.65 -78.30
N ASN D 153 58.39 -15.74 -79.23
CA ASN D 153 58.31 -16.12 -80.64
C ASN D 153 58.89 -15.01 -81.52
N ILE D 154 60.09 -15.26 -82.05
CA ILE D 154 60.75 -14.27 -82.89
C ILE D 154 60.40 -14.48 -84.37
N GLU D 155 59.89 -13.41 -84.98
CA GLU D 155 59.50 -13.39 -86.40
C GLU D 155 60.03 -12.12 -87.10
N GLY D 156 61.31 -12.13 -87.44
CA GLY D 156 61.93 -10.99 -88.10
C GLY D 156 62.01 -9.80 -87.17
N ARG D 157 61.08 -8.88 -87.32
CA ARG D 157 60.99 -7.67 -86.49
C ARG D 157 59.66 -7.72 -85.75
N ASP D 158 59.01 -8.88 -85.81
CA ASP D 158 57.71 -9.15 -85.19
C ASP D 158 57.81 -10.20 -84.05
N VAL D 159 58.33 -9.79 -82.90
CA VAL D 159 58.50 -10.66 -81.74
C VAL D 159 57.34 -10.49 -80.76
N SER D 160 56.85 -11.62 -80.24
CA SER D 160 55.75 -11.63 -79.28
C SER D 160 56.02 -12.59 -78.13
N PHE D 161 55.84 -12.11 -76.90
CA PHE D 161 56.05 -12.95 -75.72
C PHE D 161 55.00 -12.70 -74.64
N ARG D 162 55.09 -13.47 -73.56
CA ARG D 162 54.16 -13.37 -72.45
C ARG D 162 54.90 -12.96 -71.19
N VAL D 163 54.30 -12.06 -70.42
CA VAL D 163 54.93 -11.59 -69.20
C VAL D 163 54.00 -11.41 -68.02
N GLU D 164 54.57 -11.64 -66.84
CA GLU D 164 53.84 -11.50 -65.59
C GLU D 164 54.64 -10.47 -64.80
N VAL D 165 54.04 -9.33 -64.55
CA VAL D 165 54.72 -8.27 -63.83
C VAL D 165 53.81 -7.70 -62.74
N SER D 166 54.43 -7.04 -61.77
CA SER D 166 53.72 -6.42 -60.66
C SER D 166 52.83 -5.33 -61.21
N PRO D 167 51.74 -5.01 -60.48
CA PRO D 167 50.84 -3.97 -60.96
C PRO D 167 51.59 -2.64 -61.06
N GLY D 168 51.11 -1.78 -61.96
CA GLY D 168 51.74 -0.48 -62.14
C GLY D 168 52.93 -0.48 -63.08
N THR D 169 53.12 -1.58 -63.79
CA THR D 169 54.23 -1.72 -64.72
C THR D 169 53.79 -1.31 -66.11
N TYR D 170 54.62 -0.53 -66.81
CA TYR D 170 54.28 -0.12 -68.16
C TYR D 170 54.94 -1.07 -69.16
N ILE D 171 54.20 -2.07 -69.62
CA ILE D 171 54.74 -3.01 -70.58
C ILE D 171 55.13 -2.27 -71.86
N ARG D 172 54.55 -1.09 -72.05
CA ARG D 172 54.85 -0.27 -73.22
C ARG D 172 56.33 0.11 -73.14
N SER D 173 56.69 0.76 -72.03
CA SER D 173 58.06 1.18 -71.79
C SER D 173 58.99 -0.02 -71.81
N LEU D 174 58.50 -1.15 -71.33
CA LEU D 174 59.26 -2.38 -71.30
C LEU D 174 59.65 -2.79 -72.71
N CYS D 175 58.72 -2.60 -73.65
CA CYS D 175 58.99 -2.95 -75.05
C CYS D 175 60.17 -2.17 -75.62
N MET D 176 60.36 -0.95 -75.14
CA MET D 176 61.47 -0.11 -75.60
C MET D 176 62.73 -0.43 -74.81
N ASP D 177 62.60 -0.61 -73.49
CA ASP D 177 63.77 -0.94 -72.66
C ASP D 177 64.47 -2.16 -73.21
N ILE D 178 63.70 -3.08 -73.79
CA ILE D 178 64.24 -4.30 -74.38
C ILE D 178 65.08 -3.90 -75.59
N GLY D 179 64.49 -3.05 -76.43
CA GLY D 179 65.19 -2.59 -77.62
C GLY D 179 66.47 -1.85 -77.32
N TYR D 180 66.47 -1.04 -76.26
CA TYR D 180 67.66 -0.27 -75.91
C TYR D 180 68.86 -1.20 -75.74
N LYS D 181 68.78 -2.13 -74.79
CA LYS D 181 69.89 -3.04 -74.58
C LYS D 181 70.19 -3.80 -75.87
N LEU D 182 69.15 -4.08 -76.64
CA LEU D 182 69.32 -4.78 -77.92
C LEU D 182 70.12 -3.90 -78.86
N GLY D 183 69.67 -2.66 -79.03
CA GLY D 183 70.36 -1.72 -79.90
C GLY D 183 69.47 -0.69 -80.58
N CYS D 184 68.68 -1.14 -81.54
CA CYS D 184 67.81 -0.26 -82.30
C CYS D 184 66.65 0.35 -81.51
N GLY D 185 65.90 -0.51 -80.82
CA GLY D 185 64.76 -0.06 -80.05
C GLY D 185 63.50 -0.55 -80.74
N ALA D 186 62.50 -0.94 -79.95
CA ALA D 186 61.24 -1.43 -80.53
C ALA D 186 60.04 -0.72 -79.92
N THR D 187 58.89 -0.92 -80.56
CA THR D 187 57.65 -0.30 -80.10
C THR D 187 56.49 -1.29 -80.07
N ALA D 188 55.48 -0.98 -79.27
CA ALA D 188 54.31 -1.81 -79.11
C ALA D 188 53.44 -1.82 -80.37
N VAL D 189 53.11 -3.02 -80.83
CA VAL D 189 52.28 -3.22 -82.01
C VAL D 189 50.99 -3.87 -81.58
N GLU D 190 51.06 -4.61 -80.48
CA GLU D 190 49.89 -5.30 -79.95
C GLU D 190 50.07 -5.55 -78.47
N LEU D 191 48.96 -5.48 -77.73
CA LEU D 191 49.00 -5.69 -76.29
C LEU D 191 47.73 -6.38 -75.82
N VAL D 192 47.89 -7.43 -75.03
CA VAL D 192 46.75 -8.19 -74.52
C VAL D 192 46.95 -8.70 -73.10
N ARG D 193 46.19 -8.12 -72.17
CA ARG D 193 46.25 -8.54 -70.78
C ARG D 193 45.34 -9.76 -70.72
N GLU D 194 45.95 -10.92 -70.57
CA GLU D 194 45.24 -12.20 -70.52
C GLU D 194 44.64 -12.52 -69.16
N SER D 195 45.24 -11.97 -68.11
CA SER D 195 44.72 -12.21 -66.77
C SER D 195 45.15 -11.21 -65.69
N VAL D 196 44.29 -11.08 -64.69
CA VAL D 196 44.51 -10.25 -63.50
C VAL D 196 44.17 -11.18 -62.32
N GLY D 197 45.21 -11.65 -61.63
CA GLY D 197 45.01 -12.56 -60.54
C GLY D 197 44.43 -13.86 -61.11
N PRO D 198 43.46 -14.49 -60.44
CA PRO D 198 42.88 -15.74 -60.95
C PRO D 198 41.80 -15.48 -62.00
N HIS D 199 41.66 -14.24 -62.42
CA HIS D 199 40.63 -13.90 -63.40
C HIS D 199 41.20 -13.73 -64.80
N THR D 200 40.62 -14.45 -65.75
CA THR D 200 41.14 -14.42 -67.11
C THR D 200 40.14 -14.11 -68.21
N ILE D 201 40.69 -13.78 -69.37
CA ILE D 201 39.91 -13.47 -70.56
C ILE D 201 38.86 -14.54 -70.84
N GLU D 202 39.20 -15.80 -70.56
CA GLU D 202 38.25 -16.87 -70.82
C GLU D 202 36.90 -16.59 -70.17
N GLU D 203 36.91 -16.05 -68.95
CA GLU D 203 35.65 -15.74 -68.28
C GLU D 203 35.25 -14.29 -68.45
N SER D 204 36.14 -13.47 -69.02
CA SER D 204 35.82 -12.05 -69.21
C SER D 204 34.59 -11.87 -70.10
N LEU D 205 33.93 -10.74 -69.95
CA LEU D 205 32.73 -10.49 -70.73
C LEU D 205 32.84 -9.15 -71.44
N ASN D 206 32.17 -9.04 -72.59
CA ASN D 206 32.19 -7.82 -73.37
C ASN D 206 30.89 -7.11 -73.10
N VAL D 207 30.93 -6.18 -72.15
CA VAL D 207 29.76 -5.42 -71.75
C VAL D 207 29.13 -4.60 -72.86
N PHE D 208 29.88 -4.38 -73.94
CA PHE D 208 29.34 -3.61 -75.07
C PHE D 208 28.39 -4.48 -75.91
N GLU D 209 28.64 -5.78 -75.92
CA GLU D 209 27.83 -6.75 -76.67
C GLU D 209 26.96 -7.57 -75.72
N ALA D 210 26.86 -7.17 -74.46
CA ALA D 210 26.05 -7.92 -73.49
C ALA D 210 24.80 -7.23 -73.02
N ALA D 211 23.70 -7.98 -72.96
CA ALA D 211 22.45 -7.43 -72.52
C ALA D 211 22.54 -7.17 -71.02
N PRO D 212 21.68 -6.31 -70.50
CA PRO D 212 21.69 -6.02 -69.07
C PRO D 212 21.66 -7.27 -68.19
N GLU D 213 20.76 -8.20 -68.49
CA GLU D 213 20.67 -9.44 -67.73
C GLU D 213 22.00 -10.17 -67.72
N GLU D 214 22.62 -10.25 -68.90
CA GLU D 214 23.90 -10.93 -69.06
C GLU D 214 24.98 -10.39 -68.11
N ILE D 215 25.02 -9.08 -67.92
CA ILE D 215 25.98 -8.43 -67.02
C ILE D 215 25.68 -8.75 -65.55
N GLU D 216 24.42 -8.60 -65.15
CA GLU D 216 24.01 -8.87 -63.79
C GLU D 216 24.28 -10.33 -63.43
N ASN D 217 23.75 -11.25 -64.23
CA ASN D 217 23.95 -12.67 -63.93
C ASN D 217 25.36 -13.10 -64.16
N ARG D 218 26.29 -12.15 -64.07
CA ARG D 218 27.67 -12.49 -64.31
C ARG D 218 28.56 -11.79 -63.28
N ILE D 219 27.91 -11.09 -62.36
CA ILE D 219 28.61 -10.37 -61.30
C ILE D 219 28.99 -11.41 -60.27
N ILE D 220 30.17 -11.30 -59.72
CA ILE D 220 30.57 -12.26 -58.71
C ILE D 220 30.22 -11.70 -57.34
N PRO D 221 29.22 -12.29 -56.67
CA PRO D 221 28.81 -11.79 -55.34
C PRO D 221 29.97 -11.73 -54.31
N LEU D 222 29.81 -10.86 -53.32
CA LEU D 222 30.84 -10.70 -52.32
C LEU D 222 31.34 -12.02 -51.76
N GLU D 223 30.39 -12.91 -51.48
CA GLU D 223 30.64 -14.24 -50.92
C GLU D 223 31.68 -15.06 -51.69
N LYS D 224 31.91 -14.71 -52.96
CA LYS D 224 32.85 -15.43 -53.80
C LYS D 224 33.98 -14.54 -54.30
N CYS D 225 34.17 -13.41 -53.66
CA CYS D 225 35.24 -12.50 -54.06
C CYS D 225 36.42 -12.68 -53.13
N LEU D 226 37.61 -12.39 -53.63
CA LEU D 226 38.81 -12.57 -52.83
C LEU D 226 38.85 -14.04 -52.35
N GLU D 227 38.50 -14.98 -53.24
CA GLU D 227 38.47 -16.41 -52.95
C GLU D 227 39.63 -16.91 -52.07
N TRP D 228 40.83 -16.32 -52.28
CA TRP D 228 42.05 -16.62 -51.51
C TRP D 228 41.82 -15.90 -50.19
N LEU D 229 42.84 -15.69 -49.37
CA LEU D 229 42.58 -15.00 -48.08
C LEU D 229 41.79 -15.92 -47.13
N PRO D 230 42.31 -16.14 -45.93
CA PRO D 230 41.65 -17.00 -44.95
C PRO D 230 40.22 -16.54 -44.63
N ARG D 231 39.37 -17.47 -44.25
CA ARG D 231 38.01 -17.15 -43.90
C ARG D 231 37.70 -17.69 -42.50
N VAL D 232 37.13 -16.84 -41.66
CA VAL D 232 36.75 -17.26 -40.32
C VAL D 232 35.26 -17.07 -40.26
N VAL D 233 34.56 -17.90 -39.51
CA VAL D 233 33.13 -17.70 -39.40
C VAL D 233 32.74 -17.50 -37.93
N VAL D 234 31.91 -16.49 -37.68
CA VAL D 234 31.48 -16.17 -36.34
C VAL D 234 30.05 -16.69 -36.11
N HIS D 235 29.68 -16.94 -34.87
CA HIS D 235 28.35 -17.42 -34.55
C HIS D 235 27.30 -16.45 -35.10
N GLN D 236 26.24 -16.98 -35.73
CA GLN D 236 25.15 -16.17 -36.29
C GLN D 236 24.76 -14.97 -35.45
N GLU D 237 24.50 -15.27 -34.19
CA GLU D 237 24.08 -14.31 -33.19
C GLU D 237 24.86 -13.01 -33.19
N SER D 238 26.13 -13.05 -33.62
CA SER D 238 26.98 -11.87 -33.64
C SER D 238 26.90 -11.10 -34.95
N THR D 239 25.98 -11.47 -35.83
CA THR D 239 25.86 -10.77 -37.09
C THR D 239 25.55 -9.28 -36.89
N LYS D 240 24.50 -8.95 -36.14
CA LYS D 240 24.15 -7.54 -35.96
C LYS D 240 25.24 -6.64 -35.41
N MET D 241 25.78 -6.94 -34.23
CA MET D 241 26.81 -6.09 -33.64
C MET D 241 28.06 -5.91 -34.51
N ILE D 242 28.34 -6.90 -35.37
CA ILE D 242 29.48 -6.81 -36.28
C ILE D 242 29.14 -5.86 -37.42
N LEU D 243 27.91 -5.97 -37.94
CA LEU D 243 27.48 -5.11 -39.02
C LEU D 243 27.58 -3.65 -38.59
N ASN D 244 27.50 -3.38 -37.29
CA ASN D 244 27.66 -2.03 -36.78
C ASN D 244 29.14 -1.97 -36.46
N GLY D 245 29.55 -1.30 -35.39
CA GLY D 245 30.97 -1.29 -35.06
C GLY D 245 31.32 -2.66 -34.51
N SER D 246 31.94 -2.71 -33.35
CA SER D 246 32.27 -3.97 -32.70
C SER D 246 33.31 -4.86 -33.33
N GLN D 247 34.45 -4.91 -32.66
CA GLN D 247 35.55 -5.75 -33.12
C GLN D 247 35.18 -7.19 -32.75
N ILE D 248 35.95 -8.11 -33.32
CA ILE D 248 35.72 -9.52 -33.11
C ILE D 248 36.66 -10.12 -32.06
N HIS D 249 36.07 -10.76 -31.04
CA HIS D 249 36.86 -11.40 -29.98
C HIS D 249 36.83 -12.92 -30.05
N LEU D 250 37.72 -13.55 -29.30
CA LEU D 250 37.84 -15.00 -29.25
C LEU D 250 36.54 -15.77 -29.11
N GLU D 251 35.77 -15.46 -28.08
CA GLU D 251 34.51 -16.16 -27.87
C GLU D 251 33.46 -15.96 -28.96
N MET D 252 33.65 -14.94 -29.79
CA MET D 252 32.72 -14.67 -30.88
C MET D 252 32.94 -15.58 -32.09
N LEU D 253 34.16 -16.12 -32.22
CA LEU D 253 34.52 -17.00 -33.34
C LEU D 253 33.97 -18.43 -33.24
N LYS D 254 33.78 -19.07 -34.38
CA LYS D 254 33.27 -20.43 -34.41
C LYS D 254 34.14 -21.35 -35.27
N GLU D 255 34.76 -20.79 -36.31
CA GLU D 255 35.62 -21.56 -37.20
C GLU D 255 36.78 -20.78 -37.83
N TRP D 256 37.98 -21.34 -37.70
CA TRP D 256 39.21 -20.74 -38.23
C TRP D 256 39.42 -21.09 -39.68
N ASP D 257 40.68 -20.97 -40.10
CA ASP D 257 41.08 -21.26 -41.45
C ASP D 257 42.58 -21.05 -41.52
N GLY D 258 43.17 -20.71 -40.38
CA GLY D 258 44.60 -20.51 -40.32
C GLY D 258 45.10 -19.19 -40.85
N PHE D 259 45.70 -18.39 -39.99
CA PHE D 259 46.19 -17.09 -40.43
C PHE D 259 47.30 -16.52 -39.57
N LYS D 260 48.09 -15.65 -40.15
CA LYS D 260 49.20 -14.99 -39.47
C LYS D 260 48.76 -13.66 -38.87
N LYS D 261 49.70 -12.93 -38.27
CA LYS D 261 49.39 -11.66 -37.66
C LYS D 261 48.74 -10.63 -38.59
N GLY D 262 49.53 -9.74 -39.15
CA GLY D 262 49.00 -8.69 -40.00
C GLY D 262 48.06 -9.08 -41.13
N GLU D 263 47.96 -10.38 -41.41
CA GLU D 263 47.11 -10.91 -42.48
C GLU D 263 45.65 -10.45 -42.42
N VAL D 264 44.99 -10.39 -43.58
CA VAL D 264 43.59 -9.96 -43.69
C VAL D 264 42.67 -11.14 -43.96
N VAL D 265 41.61 -11.26 -43.16
CA VAL D 265 40.68 -12.39 -43.33
C VAL D 265 39.25 -12.00 -43.56
N ARG D 266 38.53 -12.86 -44.27
CA ARG D 266 37.11 -12.68 -44.58
C ARG D 266 36.28 -13.16 -43.38
N VAL D 267 35.29 -12.37 -42.98
CA VAL D 267 34.46 -12.71 -41.86
C VAL D 267 33.06 -13.12 -42.28
N PHE D 268 32.77 -14.42 -42.22
CA PHE D 268 31.44 -14.89 -42.60
C PHE D 268 30.62 -15.21 -41.34
N ASN D 269 29.31 -15.39 -41.51
CA ASN D 269 28.44 -15.77 -40.39
C ASN D 269 28.05 -17.20 -40.71
N GLU D 270 27.20 -17.81 -39.89
CA GLU D 270 26.82 -19.20 -40.13
C GLU D 270 25.91 -19.34 -41.34
N GLU D 271 25.19 -18.29 -41.69
CA GLU D 271 24.32 -18.35 -42.84
C GLU D 271 25.11 -18.22 -44.14
N GLY D 272 26.41 -17.99 -44.02
CA GLY D 272 27.24 -17.87 -45.20
C GLY D 272 27.37 -16.49 -45.81
N ARG D 273 26.92 -15.47 -45.09
CA ARG D 273 27.00 -14.11 -45.59
C ARG D 273 28.31 -13.44 -45.20
N LEU D 274 28.90 -12.70 -46.13
CA LEU D 274 30.14 -11.98 -45.88
C LEU D 274 29.84 -10.70 -45.09
N LEU D 275 30.22 -10.68 -43.81
CA LEU D 275 29.98 -9.52 -42.95
C LEU D 275 31.04 -8.47 -43.06
N ALA D 276 32.32 -8.87 -43.13
CA ALA D 276 33.39 -7.88 -43.23
C ALA D 276 34.77 -8.44 -43.55
N LEU D 277 35.75 -7.54 -43.59
CA LEU D 277 37.14 -7.92 -43.82
C LEU D 277 37.87 -7.35 -42.62
N ALA D 278 38.68 -8.18 -41.97
CA ALA D 278 39.44 -7.72 -40.80
C ALA D 278 40.89 -8.17 -40.84
N GLU D 279 41.70 -7.54 -39.98
CA GLU D 279 43.12 -7.87 -39.86
C GLU D 279 43.32 -8.61 -38.56
N ALA D 280 44.10 -9.69 -38.61
CA ALA D 280 44.38 -10.52 -37.43
C ALA D 280 45.30 -9.86 -36.43
N GLU D 281 44.82 -9.72 -35.20
CA GLU D 281 45.60 -9.09 -34.15
C GLU D 281 46.54 -10.13 -33.56
N ARG D 282 46.42 -11.35 -34.07
CA ARG D 282 47.23 -12.46 -33.60
C ARG D 282 47.32 -13.63 -34.58
N ASN D 283 47.98 -14.70 -34.14
CA ASN D 283 48.16 -15.87 -34.97
C ASN D 283 47.04 -16.86 -34.64
N SER D 284 46.54 -17.58 -35.65
CA SER D 284 45.46 -18.55 -35.41
C SER D 284 45.87 -19.67 -34.45
N SER D 285 47.17 -19.98 -34.46
CA SER D 285 47.76 -20.99 -33.59
C SER D 285 47.55 -20.59 -32.12
N PHE D 286 47.89 -19.34 -31.83
CA PHE D 286 47.78 -18.78 -30.48
C PHE D 286 46.34 -18.79 -29.98
N LEU D 287 45.39 -19.08 -30.86
CA LEU D 287 43.99 -19.08 -30.47
C LEU D 287 43.72 -20.12 -29.39
N GLU D 288 44.33 -21.29 -29.53
CA GLU D 288 44.19 -22.38 -28.56
C GLU D 288 44.67 -21.88 -27.19
N THR D 289 45.81 -21.19 -27.19
CA THR D 289 46.37 -20.65 -25.98
C THR D 289 45.49 -19.58 -25.34
N LEU D 290 44.95 -18.66 -26.14
CA LEU D 290 44.08 -17.60 -25.64
C LEU D 290 42.94 -18.26 -24.87
N ARG D 291 42.51 -19.42 -25.37
CA ARG D 291 41.48 -20.20 -24.71
C ARG D 291 42.34 -20.83 -23.60
N LYS D 292 42.00 -22.01 -23.07
CA LYS D 292 42.81 -22.61 -22.00
C LYS D 292 42.79 -21.60 -20.85
N HIS D 293 43.40 -20.44 -21.07
CA HIS D 293 43.39 -19.35 -20.12
C HIS D 293 42.01 -18.74 -20.39
N GLU D 294 41.64 -17.69 -19.67
CA GLU D 294 40.33 -17.08 -19.85
C GLU D 294 40.48 -15.65 -20.38
N ARG D 295 41.25 -15.51 -21.46
CA ARG D 295 41.49 -14.21 -22.05
C ARG D 295 40.65 -13.96 -23.29
N GLN D 296 39.56 -13.21 -23.11
CA GLN D 296 38.63 -12.85 -24.17
C GLN D 296 39.16 -11.67 -24.96
N ARG D 297 40.44 -11.73 -25.34
CA ARG D 297 41.05 -10.63 -26.09
C ARG D 297 40.45 -10.45 -27.49
N ARG D 298 40.82 -9.35 -28.14
CA ARG D 298 40.37 -9.10 -29.49
C ARG D 298 41.24 -9.99 -30.38
N VAL D 299 40.67 -10.60 -31.39
CA VAL D 299 41.44 -11.47 -32.26
C VAL D 299 41.50 -10.87 -33.67
N LEU D 300 40.45 -10.14 -34.03
CA LEU D 300 40.33 -9.54 -35.35
C LEU D 300 39.92 -8.08 -35.37
N THR D 301 40.66 -7.24 -36.08
CA THR D 301 40.27 -5.82 -36.16
C THR D 301 39.53 -5.53 -37.48
N LEU D 302 38.33 -4.93 -37.36
CA LEU D 302 37.51 -4.60 -38.52
C LEU D 302 38.24 -3.67 -39.45
N ARG D 303 38.27 -4.02 -40.73
CA ARG D 303 38.97 -3.20 -41.72
C ARG D 303 38.02 -2.76 -42.85
N LYS D 304 36.93 -3.50 -43.04
CA LYS D 304 35.91 -3.20 -44.04
C LYS D 304 34.62 -3.98 -43.78
N VAL D 305 33.56 -3.24 -43.44
CA VAL D 305 32.24 -3.79 -43.11
C VAL D 305 31.24 -3.63 -44.25
N PHE D 306 30.53 -4.69 -44.60
CA PHE D 306 29.57 -4.62 -45.70
C PHE D 306 28.11 -4.43 -45.27
N GLN D 307 27.77 -3.23 -44.82
CA GLN D 307 26.39 -2.95 -44.40
C GLN D 307 25.47 -2.90 -45.62
N THR D 308 25.06 -4.07 -46.11
CA THR D 308 24.20 -4.18 -47.29
C THR D 308 22.69 -4.13 -47.03
#